data_4Q76
#
_entry.id   4Q76
#
_cell.length_a   81.718
_cell.length_b   68.387
_cell.length_c   87.580
_cell.angle_alpha   90.00
_cell.angle_beta   94.84
_cell.angle_gamma   90.00
#
_symmetry.space_group_name_H-M   'P 1 21 1'
#
loop_
_entity.id
_entity.type
_entity.pdbx_description
1 polymer 'Cysteine desulfurase 2, chloroplastic'
2 water water
#
_entity_poly.entity_id   1
_entity_poly.type   'polypeptide(L)'
_entity_poly.pdbx_seq_one_letter_code
;MAAAASSATISTDSESVSLGHRVRKDFRILHQEVNGSKLVYLDSAATSQKPAAVLDALQNYYEFYNSNVHRGIHYLSAKA
TDEFELARKKVARFINASDSREIVFTRNATEAINLVAYSWGLSNLKPGDEVILTVAEHHSCIVPWQIVSQKTGAVLKFVT
LNEDEVPDINKLRELISPKTKLVAVHHVSNVLASSLPIEEIVVWAHDVGAKVLVDACQSVPHMVVDVQKLNADFLVASSH
(LLP)MCGPTGIGFLYGKSDLLHSMPPFLGGGEMISDVFLDHSTYAEPPSRFEAGTPAIGEAIALGAAVDYLSGIGMPKI
HEYEVEIGKYLYEKLSSLPDVRIYGPRPSESVHRGALCSFNVEGLHPTDLATFLDQQHGVAIRSGHHSAQPLHRYLGVNA
SARASLYFYNTKDDVDAFIVALADTVSFFNSFK
;
_entity_poly.pdbx_strand_id   A,B
#
# COMPACT_ATOMS: atom_id res chain seq x y z
N VAL A 17 -9.59 -34.28 16.89
CA VAL A 17 -9.09 -33.52 15.73
C VAL A 17 -8.25 -32.34 16.20
N SER A 18 -6.98 -32.32 15.80
CA SER A 18 -6.11 -31.20 16.16
C SER A 18 -6.60 -29.92 15.49
N LEU A 19 -6.09 -28.77 15.92
CA LEU A 19 -6.48 -27.48 15.35
C LEU A 19 -6.20 -27.45 13.85
N GLY A 20 -4.99 -27.84 13.47
CA GLY A 20 -4.60 -27.87 12.07
C GLY A 20 -5.55 -28.66 11.19
N HIS A 21 -5.95 -29.83 11.65
CA HIS A 21 -6.83 -30.69 10.86
C HIS A 21 -8.26 -30.16 10.82
N ARG A 22 -8.59 -29.28 11.77
N ARG A 22 -8.59 -29.28 11.75
CA ARG A 22 -9.91 -28.67 11.84
CA ARG A 22 -9.92 -28.67 11.78
C ARG A 22 -10.03 -27.46 10.91
C ARG A 22 -10.02 -27.48 10.85
N VAL A 23 -8.99 -26.65 10.82
CA VAL A 23 -9.02 -25.43 10.01
C VAL A 23 -8.46 -25.62 8.59
N ARG A 24 -7.81 -26.75 8.31
CA ARG A 24 -7.18 -26.94 7.00
C ARG A 24 -8.17 -26.72 5.85
N LYS A 25 -9.40 -27.17 6.05
CA LYS A 25 -10.46 -27.03 5.05
C LYS A 25 -10.75 -25.57 4.63
N ASP A 26 -10.38 -24.61 5.48
CA ASP A 26 -10.70 -23.20 5.22
C ASP A 26 -9.75 -22.60 4.19
N PHE A 27 -8.64 -23.29 3.96
CA PHE A 27 -7.54 -22.75 3.15
C PHE A 27 -7.42 -23.53 1.85
N ARG A 28 -8.07 -23.00 0.80
CA ARG A 28 -8.18 -23.71 -0.46
C ARG A 28 -6.83 -24.10 -1.05
N ILE A 29 -5.83 -23.24 -0.84
CA ILE A 29 -4.52 -23.39 -1.47
C ILE A 29 -3.73 -24.63 -1.01
N LEU A 30 -4.04 -25.14 0.17
CA LEU A 30 -3.28 -26.27 0.72
C LEU A 30 -3.71 -27.58 0.10
N HIS A 31 -4.82 -27.55 -0.63
CA HIS A 31 -5.38 -28.77 -1.17
C HIS A 31 -5.07 -28.86 -2.66
N GLN A 32 -3.78 -28.99 -2.95
CA GLN A 32 -3.33 -29.20 -4.32
C GLN A 32 -2.04 -30.00 -4.34
N GLU A 33 -1.71 -30.51 -5.52
CA GLU A 33 -0.45 -31.24 -5.71
C GLU A 33 0.56 -30.34 -6.39
N VAL A 34 1.81 -30.45 -5.94
CA VAL A 34 2.90 -29.65 -6.47
C VAL A 34 4.05 -30.56 -6.88
N ASN A 35 4.45 -30.46 -8.15
CA ASN A 35 5.50 -31.31 -8.71
C ASN A 35 5.24 -32.79 -8.50
N GLY A 36 3.97 -33.18 -8.53
CA GLY A 36 3.59 -34.58 -8.37
C GLY A 36 3.33 -35.01 -6.93
N SER A 37 3.67 -34.14 -5.98
CA SER A 37 3.49 -34.46 -4.57
C SER A 37 2.43 -33.57 -3.94
N LYS A 38 1.77 -34.08 -2.90
CA LYS A 38 0.90 -33.25 -2.08
C LYS A 38 1.69 -32.07 -1.55
N LEU A 39 1.16 -30.86 -1.70
CA LEU A 39 1.82 -29.67 -1.17
C LEU A 39 1.97 -29.77 0.34
N VAL A 40 3.16 -29.45 0.83
CA VAL A 40 3.39 -29.25 2.24
C VAL A 40 3.97 -27.85 2.42
N TYR A 41 3.15 -26.91 2.88
CA TYR A 41 3.58 -25.51 2.97
C TYR A 41 4.15 -25.19 4.35
N LEU A 42 5.43 -24.87 4.38
CA LEU A 42 6.14 -24.57 5.62
C LEU A 42 6.93 -23.27 5.48
N ASP A 43 6.28 -22.24 4.96
CA ASP A 43 6.92 -20.96 4.68
C ASP A 43 6.02 -19.79 5.14
N SER A 44 5.21 -20.04 6.18
CA SER A 44 4.28 -19.02 6.66
C SER A 44 5.00 -17.78 7.19
N ALA A 45 6.26 -17.91 7.58
CA ALA A 45 7.02 -16.77 8.07
C ALA A 45 7.40 -15.84 6.92
N ALA A 46 7.38 -16.33 5.70
CA ALA A 46 7.53 -15.45 4.54
C ALA A 46 6.17 -14.82 4.22
N THR A 47 5.11 -15.65 4.19
CA THR A 47 3.74 -15.12 4.20
C THR A 47 2.72 -16.22 4.51
N SER A 48 1.57 -15.81 5.03
CA SER A 48 0.53 -16.76 5.42
C SER A 48 -0.50 -17.00 4.32
N GLN A 49 -1.20 -18.12 4.41
CA GLN A 49 -2.32 -18.38 3.53
C GLN A 49 -3.61 -17.85 4.14
N LYS A 50 -4.65 -17.72 3.32
CA LYS A 50 -5.88 -17.04 3.71
C LYS A 50 -7.05 -18.00 3.75
N PRO A 51 -7.89 -17.89 4.79
CA PRO A 51 -9.13 -18.66 4.91
C PRO A 51 -10.21 -18.09 4.02
N ALA A 52 -11.19 -18.91 3.66
CA ALA A 52 -12.29 -18.48 2.80
C ALA A 52 -12.98 -17.21 3.32
N ALA A 53 -13.09 -17.09 4.63
CA ALA A 53 -13.83 -15.98 5.23
C ALA A 53 -13.23 -14.63 4.82
N VAL A 54 -11.90 -14.58 4.79
CA VAL A 54 -11.19 -13.36 4.41
C VAL A 54 -11.37 -13.05 2.93
N LEU A 55 -11.21 -14.06 2.08
CA LEU A 55 -11.37 -13.87 0.64
C LEU A 55 -12.80 -13.50 0.28
N ASP A 56 -13.77 -14.09 1.00
CA ASP A 56 -15.17 -13.74 0.83
C ASP A 56 -15.39 -12.26 1.16
N ALA A 57 -14.80 -11.80 2.25
CA ALA A 57 -14.99 -10.42 2.68
C ALA A 57 -14.43 -9.48 1.63
N LEU A 58 -13.31 -9.87 1.04
CA LEU A 58 -12.66 -9.06 0.01
C LEU A 58 -13.53 -9.00 -1.25
N GLN A 59 -14.04 -10.15 -1.67
CA GLN A 59 -14.93 -10.22 -2.82
C GLN A 59 -16.25 -9.49 -2.60
N ASN A 60 -16.79 -9.62 -1.38
CA ASN A 60 -18.07 -9.01 -1.07
C ASN A 60 -17.96 -7.48 -1.09
N TYR A 61 -16.81 -6.96 -0.64
CA TYR A 61 -16.58 -5.53 -0.73
C TYR A 61 -16.62 -5.05 -2.18
N TYR A 62 -15.83 -5.68 -3.05
CA TYR A 62 -15.71 -5.19 -4.41
C TYR A 62 -17.00 -5.37 -5.19
N GLU A 63 -17.70 -6.48 -4.93
CA GLU A 63 -18.92 -6.78 -5.66
C GLU A 63 -20.13 -5.98 -5.18
N PHE A 64 -20.12 -5.47 -3.95
CA PHE A 64 -21.34 -4.89 -3.41
C PHE A 64 -21.27 -3.48 -2.83
N TYR A 65 -20.11 -3.03 -2.35
CA TYR A 65 -20.10 -1.66 -1.82
C TYR A 65 -18.78 -0.89 -1.93
N ASN A 66 -17.97 -1.23 -2.93
CA ASN A 66 -16.79 -0.42 -3.25
C ASN A 66 -17.16 1.02 -3.61
N SER A 67 -16.50 1.96 -2.96
CA SER A 67 -16.61 3.40 -3.24
C SER A 67 -15.54 4.08 -2.40
N ASN A 68 -15.19 5.32 -2.72
CA ASN A 68 -14.15 5.94 -1.93
C ASN A 68 -14.68 6.34 -0.57
N VAL A 69 -13.79 6.36 0.42
CA VAL A 69 -14.19 6.53 1.80
C VAL A 69 -14.12 7.98 2.27
N HIS A 70 -14.97 8.30 3.23
CA HIS A 70 -15.03 9.61 3.90
C HIS A 70 -15.71 10.68 3.04
N ARG A 71 -16.69 11.37 3.62
CA ARG A 71 -17.36 12.51 2.99
C ARG A 71 -17.94 12.21 1.61
N GLY A 72 -18.31 10.95 1.37
CA GLY A 72 -18.79 10.54 0.06
C GLY A 72 -20.29 10.70 -0.10
N ILE A 73 -20.97 10.84 1.04
CA ILE A 73 -22.43 11.04 1.12
C ILE A 73 -23.29 9.85 0.66
N HIS A 74 -23.10 9.37 -0.56
CA HIS A 74 -24.03 8.37 -1.11
C HIS A 74 -23.86 7.00 -0.42
N TYR A 75 -24.87 6.14 -0.62
CA TYR A 75 -25.04 4.91 0.15
C TYR A 75 -23.83 3.97 0.18
N LEU A 76 -23.29 3.67 -0.99
CA LEU A 76 -22.15 2.77 -1.09
C LEU A 76 -20.94 3.35 -0.39
N SER A 77 -20.72 4.66 -0.57
CA SER A 77 -19.60 5.34 0.08
C SER A 77 -19.74 5.33 1.58
N ALA A 78 -20.97 5.53 2.06
CA ALA A 78 -21.24 5.52 3.49
C ALA A 78 -20.98 4.13 4.07
N LYS A 79 -21.38 3.09 3.34
CA LYS A 79 -21.15 1.72 3.78
C LYS A 79 -19.65 1.37 3.74
N ALA A 80 -18.99 1.79 2.68
CA ALA A 80 -17.55 1.53 2.54
C ALA A 80 -16.78 2.18 3.68
N THR A 81 -17.13 3.42 4.00
CA THR A 81 -16.46 4.16 5.06
C THR A 81 -16.71 3.53 6.42
N ASP A 82 -17.96 3.14 6.66
CA ASP A 82 -18.33 2.44 7.89
C ASP A 82 -17.49 1.19 8.11
N GLU A 83 -17.47 0.31 7.12
CA GLU A 83 -16.72 -0.95 7.23
C GLU A 83 -15.22 -0.71 7.35
N PHE A 84 -14.73 0.29 6.63
CA PHE A 84 -13.31 0.64 6.66
C PHE A 84 -12.88 1.04 8.07
N GLU A 85 -13.56 2.03 8.63
CA GLU A 85 -13.28 2.48 9.98
C GLU A 85 -13.58 1.42 11.04
N LEU A 86 -14.52 0.54 10.74
CA LEU A 86 -14.81 -0.57 11.64
C LEU A 86 -13.63 -1.53 11.69
N ALA A 87 -12.99 -1.76 10.53
CA ALA A 87 -11.80 -2.61 10.47
C ALA A 87 -10.65 -2.00 11.27
N ARG A 88 -10.56 -0.68 11.27
CA ARG A 88 -9.59 0.00 12.11
C ARG A 88 -9.87 -0.31 13.59
N LYS A 89 -11.15 -0.34 13.95
CA LYS A 89 -11.54 -0.67 15.31
C LYS A 89 -11.23 -2.13 15.64
N LYS A 90 -11.43 -3.03 14.69
CA LYS A 90 -11.15 -4.44 14.92
C LYS A 90 -9.67 -4.67 15.22
N VAL A 91 -8.81 -4.02 14.44
CA VAL A 91 -7.37 -4.08 14.69
C VAL A 91 -7.02 -3.47 16.05
N ALA A 92 -7.66 -2.36 16.39
CA ALA A 92 -7.41 -1.68 17.66
C ALA A 92 -7.65 -2.62 18.84
N ARG A 93 -8.77 -3.33 18.84
CA ARG A 93 -9.08 -4.19 19.98
C ARG A 93 -8.26 -5.48 19.95
N PHE A 94 -7.86 -5.92 18.76
CA PHE A 94 -7.01 -7.11 18.62
C PHE A 94 -5.70 -6.97 19.41
N ILE A 95 -5.07 -5.80 19.32
CA ILE A 95 -3.83 -5.55 20.06
C ILE A 95 -4.08 -4.75 21.34
N ASN A 96 -5.35 -4.61 21.71
CA ASN A 96 -5.77 -3.84 22.88
C ASN A 96 -5.26 -2.39 22.91
N ALA A 97 -5.32 -1.70 21.77
CA ALA A 97 -5.11 -0.26 21.79
C ALA A 97 -6.28 0.35 22.54
N SER A 98 -6.03 1.44 23.26
CA SER A 98 -7.09 2.10 24.02
C SER A 98 -8.01 2.90 23.11
N ASP A 99 -7.49 3.28 21.95
CA ASP A 99 -8.22 4.14 21.02
C ASP A 99 -7.95 3.69 19.59
N SER A 100 -9.00 3.58 18.79
CA SER A 100 -8.86 3.16 17.41
C SER A 100 -8.11 4.20 16.59
N ARG A 101 -8.08 5.44 17.08
CA ARG A 101 -7.36 6.51 16.40
C ARG A 101 -5.84 6.36 16.55
N GLU A 102 -5.42 5.33 17.27
CA GLU A 102 -4.00 5.03 17.40
C GLU A 102 -3.55 4.02 16.34
N ILE A 103 -4.46 3.65 15.44
CA ILE A 103 -4.11 2.72 14.37
C ILE A 103 -3.98 3.45 13.03
N VAL A 104 -2.79 3.39 12.45
CA VAL A 104 -2.53 3.98 11.13
C VAL A 104 -2.29 2.89 10.08
N PHE A 105 -3.01 2.97 8.97
CA PHE A 105 -2.92 1.95 7.92
C PHE A 105 -1.80 2.22 6.92
N THR A 106 -0.94 1.23 6.73
CA THR A 106 0.16 1.33 5.79
C THR A 106 0.10 0.17 4.80
N ARG A 107 1.11 0.05 3.94
CA ARG A 107 1.19 -1.05 2.99
C ARG A 107 1.70 -2.30 3.70
N ASN A 108 2.62 -2.09 4.64
CA ASN A 108 3.20 -3.17 5.43
C ASN A 108 3.92 -2.61 6.63
N ALA A 109 4.47 -3.49 7.46
CA ALA A 109 5.20 -3.05 8.64
C ALA A 109 6.43 -2.24 8.28
N THR A 110 7.06 -2.60 7.16
CA THR A 110 8.22 -1.86 6.69
C THR A 110 7.89 -0.38 6.51
N GLU A 111 6.79 -0.09 5.83
CA GLU A 111 6.38 1.29 5.66
C GLU A 111 6.09 1.93 7.02
N ALA A 112 5.39 1.19 7.88
CA ALA A 112 5.09 1.64 9.24
C ALA A 112 6.35 2.06 10.02
N ILE A 113 7.41 1.26 9.92
CA ILE A 113 8.67 1.60 10.58
C ILE A 113 9.28 2.86 9.97
N ASN A 114 9.22 2.96 8.64
CA ASN A 114 9.66 4.15 7.93
C ASN A 114 8.89 5.39 8.35
N LEU A 115 7.60 5.24 8.64
CA LEU A 115 6.78 6.36 9.09
C LEU A 115 7.37 6.91 10.39
N VAL A 116 7.65 6.02 11.34
CA VAL A 116 8.20 6.42 12.61
C VAL A 116 9.57 7.08 12.44
N ALA A 117 10.42 6.47 11.60
CA ALA A 117 11.76 6.99 11.35
C ALA A 117 11.75 8.39 10.73
N TYR A 118 10.92 8.60 9.73
CA TYR A 118 10.85 9.89 9.05
C TYR A 118 10.17 10.95 9.90
N SER A 119 8.99 10.61 10.42
CA SER A 119 8.17 11.58 11.14
C SER A 119 8.66 11.82 12.57
N TRP A 120 8.94 10.75 13.32
CA TRP A 120 9.38 10.91 14.69
C TRP A 120 10.90 11.04 14.80
N GLY A 121 11.62 10.21 14.07
CA GLY A 121 13.07 10.13 14.17
C GLY A 121 13.80 11.40 13.77
N LEU A 122 13.45 11.93 12.60
CA LEU A 122 14.07 13.14 12.08
C LEU A 122 13.64 14.37 12.87
N SER A 123 12.67 14.18 13.75
CA SER A 123 12.06 15.29 14.49
C SER A 123 12.48 15.33 15.95
N ASN A 124 13.01 14.22 16.46
CA ASN A 124 13.35 14.13 17.88
C ASN A 124 14.80 13.71 18.17
N LEU A 125 15.50 13.21 17.16
CA LEU A 125 16.85 12.70 17.37
C LEU A 125 17.93 13.74 17.08
N LYS A 126 18.87 13.87 18.00
CA LYS A 126 19.96 14.85 17.90
C LYS A 126 21.30 14.12 17.78
N PRO A 127 22.34 14.81 17.31
CA PRO A 127 23.66 14.19 17.25
C PRO A 127 24.12 13.68 18.63
N GLY A 128 24.42 12.39 18.72
CA GLY A 128 24.81 11.80 19.98
C GLY A 128 23.76 10.88 20.57
N ASP A 129 22.50 11.11 20.20
CA ASP A 129 21.41 10.26 20.67
C ASP A 129 21.60 8.83 20.20
N GLU A 130 21.18 7.87 21.02
CA GLU A 130 21.42 6.46 20.72
C GLU A 130 20.15 5.66 20.44
N VAL A 131 20.21 4.83 19.42
CA VAL A 131 19.13 3.92 19.09
C VAL A 131 19.61 2.48 19.24
N ILE A 132 18.92 1.71 20.08
CA ILE A 132 19.34 0.35 20.38
C ILE A 132 18.59 -0.70 19.57
N LEU A 133 19.35 -1.54 18.88
CA LEU A 133 18.83 -2.69 18.15
C LEU A 133 19.54 -3.95 18.61
N THR A 134 19.13 -5.10 18.07
CA THR A 134 19.90 -6.32 18.25
C THR A 134 20.44 -6.77 16.89
N VAL A 135 21.44 -7.64 16.91
CA VAL A 135 22.03 -8.15 15.68
C VAL A 135 21.07 -9.10 14.96
N ALA A 136 19.96 -9.43 15.60
CA ALA A 136 18.98 -10.34 15.02
C ALA A 136 17.83 -9.56 14.38
N GLU A 137 18.01 -8.25 14.25
CA GLU A 137 16.96 -7.42 13.69
C GLU A 137 16.76 -7.67 12.20
N HIS A 138 15.48 -7.72 11.81
CA HIS A 138 15.04 -7.71 10.41
C HIS A 138 15.52 -6.43 9.71
N HIS A 139 15.81 -6.53 8.42
CA HIS A 139 16.31 -5.38 7.64
C HIS A 139 15.39 -4.17 7.68
N SER A 140 14.09 -4.40 7.75
CA SER A 140 13.13 -3.30 7.83
C SER A 140 13.25 -2.59 9.18
N CYS A 141 13.91 -3.25 10.12
CA CYS A 141 14.14 -2.66 11.44
C CYS A 141 15.63 -2.38 11.62
N ILE A 142 16.33 -2.20 10.51
CA ILE A 142 17.74 -1.80 10.54
C ILE A 142 18.00 -0.65 9.58
N VAL A 143 17.63 -0.85 8.32
CA VAL A 143 17.89 0.13 7.27
C VAL A 143 17.25 1.51 7.51
N PRO A 144 15.98 1.56 7.97
CA PRO A 144 15.43 2.90 8.20
C PRO A 144 16.16 3.69 9.28
N TRP A 145 16.66 2.99 10.30
CA TRP A 145 17.30 3.66 11.41
C TRP A 145 18.76 3.94 11.09
N GLN A 146 19.31 3.20 10.12
CA GLN A 146 20.60 3.53 9.53
C GLN A 146 20.51 4.89 8.84
N ILE A 147 19.47 5.08 8.03
CA ILE A 147 19.33 6.33 7.27
C ILE A 147 19.04 7.50 8.20
N VAL A 148 18.25 7.26 9.23
CA VAL A 148 18.01 8.26 10.27
C VAL A 148 19.32 8.65 10.95
N SER A 149 20.17 7.67 11.22
CA SER A 149 21.49 7.91 11.80
C SER A 149 22.33 8.81 10.89
N GLN A 150 22.32 8.52 9.60
CA GLN A 150 23.12 9.25 8.62
C GLN A 150 22.63 10.69 8.41
N LYS A 151 21.38 10.96 8.79
CA LYS A 151 20.82 12.29 8.62
C LYS A 151 20.89 13.13 9.89
N THR A 152 20.78 12.49 11.05
CA THR A 152 20.69 13.22 12.31
C THR A 152 22.00 13.22 13.10
N GLY A 153 22.85 12.23 12.85
CA GLY A 153 24.08 12.09 13.60
C GLY A 153 23.90 11.15 14.80
N ALA A 154 22.70 10.63 14.95
CA ALA A 154 22.43 9.65 16.00
C ALA A 154 23.26 8.39 15.77
N VAL A 155 23.47 7.61 16.81
CA VAL A 155 24.31 6.42 16.70
C VAL A 155 23.54 5.15 17.05
N LEU A 156 23.82 4.08 16.31
CA LEU A 156 23.15 2.80 16.52
C LEU A 156 23.96 1.90 17.43
N LYS A 157 23.35 1.45 18.52
CA LYS A 157 24.00 0.52 19.44
C LYS A 157 23.37 -0.86 19.27
N PHE A 158 24.19 -1.85 18.91
CA PHE A 158 23.69 -3.18 18.63
C PHE A 158 23.92 -4.17 19.77
N VAL A 159 22.89 -4.94 20.07
CA VAL A 159 22.96 -5.96 21.12
C VAL A 159 23.30 -7.32 20.53
N THR A 160 24.48 -7.84 20.87
CA THR A 160 24.91 -9.15 20.37
C THR A 160 24.16 -10.27 21.08
N LEU A 161 24.32 -11.50 20.61
CA LEU A 161 23.63 -12.65 21.20
C LEU A 161 24.45 -13.28 22.32
N ASN A 162 23.79 -14.04 23.17
CA ASN A 162 24.49 -14.78 24.21
C ASN A 162 24.84 -16.20 23.76
N GLU A 163 25.22 -17.02 24.73
CA GLU A 163 25.58 -18.41 24.48
C GLU A 163 24.39 -19.24 23.96
N ASP A 164 23.18 -18.80 24.28
CA ASP A 164 21.98 -19.53 23.91
C ASP A 164 21.42 -19.00 22.58
N GLU A 165 22.22 -18.20 21.89
CA GLU A 165 21.88 -17.59 20.60
C GLU A 165 20.60 -16.77 20.65
N VAL A 166 20.48 -15.96 21.70
CA VAL A 166 19.42 -14.96 21.81
C VAL A 166 20.06 -13.65 22.26
N PRO A 167 19.44 -12.50 21.91
CA PRO A 167 19.95 -11.20 22.36
C PRO A 167 20.20 -11.17 23.86
N ASP A 168 21.38 -10.71 24.25
CA ASP A 168 21.74 -10.67 25.68
C ASP A 168 21.01 -9.53 26.38
N ILE A 169 20.10 -9.89 27.28
CA ILE A 169 19.25 -8.94 27.97
C ILE A 169 20.00 -8.01 28.93
N ASN A 170 21.12 -8.48 29.48
CA ASN A 170 21.88 -7.65 30.41
C ASN A 170 22.82 -6.72 29.65
N LYS A 171 23.24 -7.16 28.46
CA LYS A 171 23.99 -6.30 27.56
C LYS A 171 23.09 -5.18 27.05
N LEU A 172 21.86 -5.54 26.72
CA LEU A 172 20.88 -4.56 26.27
C LEU A 172 20.62 -3.52 27.35
N ARG A 173 20.43 -4.00 28.58
CA ARG A 173 20.14 -3.11 29.70
C ARG A 173 21.32 -2.19 29.98
N GLU A 174 22.53 -2.73 29.86
CA GLU A 174 23.76 -1.95 29.98
C GLU A 174 23.77 -0.78 28.99
N LEU A 175 23.27 -1.02 27.79
CA LEU A 175 23.27 -0.03 26.73
C LEU A 175 22.24 1.09 26.97
N ILE A 176 21.32 0.87 27.90
CA ILE A 176 20.32 1.89 28.20
C ILE A 176 20.89 2.94 29.15
N SER A 177 21.01 4.17 28.65
CA SER A 177 21.56 5.29 29.39
C SER A 177 20.77 6.55 29.03
N PRO A 178 20.97 7.65 29.76
CA PRO A 178 20.30 8.91 29.38
C PRO A 178 20.53 9.35 27.93
N LYS A 179 21.48 8.72 27.24
CA LYS A 179 21.70 9.01 25.83
C LYS A 179 20.74 8.26 24.92
N THR A 180 20.12 7.21 25.46
CA THR A 180 19.19 6.38 24.67
C THR A 180 17.86 7.10 24.47
N LYS A 181 17.45 7.24 23.22
CA LYS A 181 16.19 7.91 22.90
C LYS A 181 15.19 6.96 22.25
N LEU A 182 15.67 5.81 21.80
CA LEU A 182 14.80 4.84 21.15
C LEU A 182 15.34 3.42 21.22
N VAL A 183 14.44 2.49 21.51
CA VAL A 183 14.74 1.06 21.42
C VAL A 183 13.82 0.42 20.39
N ALA A 184 14.41 -0.09 19.31
CA ALA A 184 13.64 -0.66 18.20
C ALA A 184 14.01 -2.11 17.98
N VAL A 185 13.22 -3.00 18.56
CA VAL A 185 13.56 -4.42 18.55
C VAL A 185 12.35 -5.30 18.24
N HIS A 186 12.62 -6.55 17.85
CA HIS A 186 11.57 -7.52 17.55
C HIS A 186 10.90 -8.03 18.82
N HIS A 187 9.62 -8.38 18.70
CA HIS A 187 8.92 -9.09 19.75
C HIS A 187 9.33 -10.57 19.64
N VAL A 188 9.21 -11.10 18.43
CA VAL A 188 9.68 -12.45 18.11
C VAL A 188 10.56 -12.44 16.86
N SER A 189 11.69 -13.14 16.91
CA SER A 189 12.66 -13.17 15.82
C SER A 189 12.23 -14.10 14.71
N ASN A 190 12.25 -13.60 13.48
CA ASN A 190 11.81 -14.37 12.32
C ASN A 190 12.80 -15.46 11.92
N VAL A 191 13.94 -15.50 12.59
CA VAL A 191 14.99 -16.48 12.28
C VAL A 191 15.29 -17.39 13.48
N LEU A 192 15.52 -16.78 14.64
CA LEU A 192 15.88 -17.51 15.84
C LEU A 192 14.67 -18.09 16.56
N ALA A 193 13.49 -17.55 16.27
CA ALA A 193 12.23 -17.94 16.89
C ALA A 193 12.19 -17.58 18.39
N SER A 194 13.13 -16.75 18.83
CA SER A 194 13.19 -16.35 20.22
C SER A 194 12.36 -15.09 20.45
N SER A 195 11.94 -14.88 21.70
CA SER A 195 11.17 -13.70 22.04
C SER A 195 11.98 -12.79 22.95
N LEU A 196 11.61 -11.51 22.99
CA LEU A 196 12.21 -10.57 23.92
C LEU A 196 11.21 -10.18 24.99
N PRO A 197 11.70 -9.93 26.22
CA PRO A 197 10.87 -9.44 27.33
C PRO A 197 10.53 -7.96 27.14
N ILE A 198 9.66 -7.67 26.18
CA ILE A 198 9.34 -6.30 25.81
C ILE A 198 8.86 -5.46 26.98
N GLU A 199 7.95 -6.01 27.79
CA GLU A 199 7.34 -5.25 28.87
C GLU A 199 8.37 -4.69 29.85
N GLU A 200 9.39 -5.47 30.16
CA GLU A 200 10.41 -4.99 31.08
C GLU A 200 11.42 -4.10 30.35
N ILE A 201 11.63 -4.37 29.07
CA ILE A 201 12.47 -3.50 28.24
C ILE A 201 11.86 -2.10 28.17
N VAL A 202 10.53 -2.04 28.05
CA VAL A 202 9.82 -0.77 28.00
C VAL A 202 10.02 0.04 29.29
N VAL A 203 9.97 -0.63 30.44
CA VAL A 203 10.15 0.03 31.73
C VAL A 203 11.55 0.66 31.84
N TRP A 204 12.57 -0.12 31.49
CA TRP A 204 13.95 0.36 31.54
C TRP A 204 14.17 1.54 30.60
N ALA A 205 13.54 1.48 29.42
CA ALA A 205 13.66 2.56 28.44
C ALA A 205 12.92 3.81 28.90
N HIS A 206 11.73 3.62 29.46
CA HIS A 206 10.93 4.76 29.94
C HIS A 206 11.57 5.48 31.12
N ASP A 207 12.34 4.73 31.92
CA ASP A 207 13.03 5.30 33.06
C ASP A 207 14.10 6.29 32.63
N VAL A 208 14.47 6.22 31.35
CA VAL A 208 15.54 7.04 30.82
C VAL A 208 14.95 8.11 29.90
N GLY A 209 13.70 7.91 29.49
CA GLY A 209 13.02 8.88 28.64
C GLY A 209 13.03 8.46 27.19
N ALA A 210 13.27 7.17 26.96
CA ALA A 210 13.37 6.63 25.61
C ALA A 210 12.05 6.01 25.18
N LYS A 211 11.83 5.94 23.88
CA LYS A 211 10.62 5.33 23.34
C LYS A 211 10.94 3.94 22.79
N VAL A 212 9.97 3.04 22.86
CA VAL A 212 10.16 1.68 22.38
C VAL A 212 9.32 1.39 21.14
N LEU A 213 10.00 1.08 20.04
CA LEU A 213 9.35 0.59 18.84
C LEU A 213 9.40 -0.93 18.84
N VAL A 214 8.23 -1.56 18.80
CA VAL A 214 8.17 -3.02 18.78
C VAL A 214 7.86 -3.55 17.38
N ASP A 215 8.82 -4.29 16.84
CA ASP A 215 8.63 -5.02 15.59
C ASP A 215 7.85 -6.29 15.92
N ALA A 216 6.52 -6.19 15.88
CA ALA A 216 5.67 -7.28 16.35
C ALA A 216 5.13 -8.15 15.21
N CYS A 217 5.88 -8.22 14.12
CA CYS A 217 5.44 -8.93 12.92
C CYS A 217 5.25 -10.43 13.11
N GLN A 218 6.00 -11.01 14.03
CA GLN A 218 5.99 -12.45 14.25
C GLN A 218 5.28 -12.83 15.53
N SER A 219 4.68 -11.84 16.20
CA SER A 219 3.95 -12.10 17.42
C SER A 219 2.47 -11.87 17.22
N VAL A 220 2.13 -10.77 16.56
CA VAL A 220 0.73 -10.46 16.27
C VAL A 220 0.00 -11.61 15.55
N PRO A 221 0.66 -12.29 14.59
CA PRO A 221 -0.08 -13.39 13.97
C PRO A 221 -0.24 -14.64 14.84
N HIS A 222 0.57 -14.77 15.88
CA HIS A 222 0.76 -16.07 16.53
C HIS A 222 0.42 -16.13 18.02
N MET A 223 0.32 -14.99 18.68
CA MET A 223 0.06 -14.97 20.11
C MET A 223 -0.67 -13.70 20.54
N VAL A 224 -1.20 -13.71 21.76
CA VAL A 224 -1.85 -12.53 22.31
C VAL A 224 -0.87 -11.37 22.40
N VAL A 225 -1.27 -10.23 21.86
CA VAL A 225 -0.47 -9.01 21.94
C VAL A 225 -1.28 -7.90 22.58
N ASP A 226 -0.74 -7.29 23.62
CA ASP A 226 -1.42 -6.25 24.40
C ASP A 226 -0.54 -5.02 24.54
N VAL A 227 -0.77 -4.02 23.70
CA VAL A 227 0.10 -2.85 23.66
C VAL A 227 0.05 -2.03 24.94
N GLN A 228 -1.06 -2.12 25.68
CA GLN A 228 -1.18 -1.40 26.95
C GLN A 228 -0.42 -2.14 28.03
N LYS A 229 -0.48 -3.47 28.00
CA LYS A 229 0.30 -4.28 28.93
C LYS A 229 1.78 -4.08 28.67
N LEU A 230 2.16 -4.07 27.39
CA LEU A 230 3.55 -3.82 27.02
C LEU A 230 3.94 -2.38 27.33
N ASN A 231 2.98 -1.47 27.20
CA ASN A 231 3.19 -0.02 27.33
C ASN A 231 4.16 0.49 26.26
N ALA A 232 4.25 -0.24 25.16
CA ALA A 232 5.10 0.15 24.04
C ALA A 232 4.61 1.45 23.42
N ASP A 233 5.54 2.22 22.86
CA ASP A 233 5.21 3.52 22.28
C ASP A 233 4.80 3.39 20.83
N PHE A 234 5.43 2.45 20.13
CA PHE A 234 5.06 2.13 18.76
C PHE A 234 5.00 0.61 18.57
N LEU A 235 4.10 0.14 17.74
CA LEU A 235 4.10 -1.28 17.38
C LEU A 235 3.73 -1.44 15.92
N VAL A 236 4.43 -2.32 15.21
CA VAL A 236 4.20 -2.50 13.79
C VAL A 236 3.90 -3.97 13.44
N ALA A 237 3.11 -4.17 12.38
CA ALA A 237 2.80 -5.50 11.89
C ALA A 237 2.28 -5.47 10.45
N SER A 238 2.32 -6.64 9.81
CA SER A 238 1.86 -6.81 8.43
C SER A 238 0.68 -7.76 8.32
N SER A 239 -0.31 -7.35 7.54
CA SER A 239 -1.48 -8.18 7.28
C SER A 239 -1.16 -9.53 6.64
N HIS A 240 -0.22 -9.56 5.70
CA HIS A 240 0.00 -10.76 4.89
C HIS A 240 0.57 -11.93 5.69
N1 LLP A 241 10.18 -7.89 10.91
C2 LLP A 241 9.98 -9.20 10.97
C2' LLP A 241 10.69 -10.03 12.09
C3 LLP A 241 9.15 -9.84 10.01
O3 LLP A 241 8.96 -11.23 10.08
C4 LLP A 241 8.54 -9.08 9.03
C4' LLP A 241 7.58 -9.80 7.93
C5 LLP A 241 8.74 -7.73 8.97
C6 LLP A 241 9.56 -7.11 9.92
C5' LLP A 241 8.05 -6.82 7.90
OP4 LLP A 241 8.34 -7.19 6.57
P LLP A 241 7.34 -6.71 5.48
OP1 LLP A 241 7.24 -5.18 5.57
OP2 LLP A 241 7.87 -7.14 4.17
OP3 LLP A 241 6.00 -7.32 5.75
N LLP A 241 1.01 -11.69 6.92
CA LLP A 241 1.49 -12.79 7.76
CB LLP A 241 2.68 -12.35 8.57
CG LLP A 241 3.81 -11.98 7.60
CD LLP A 241 5.15 -12.34 8.23
CE LLP A 241 6.27 -11.69 7.41
NZ LLP A 241 7.27 -11.13 8.33
C LLP A 241 0.43 -13.26 8.70
O LLP A 241 0.62 -14.28 9.35
N MET A 242 -0.68 -12.55 8.78
CA MET A 242 -1.74 -12.90 9.74
C MET A 242 -3.07 -13.20 9.04
N CYS A 243 -3.00 -13.99 7.95
CA CYS A 243 -4.17 -14.46 7.20
C CYS A 243 -4.91 -13.34 6.46
N GLY A 244 -4.33 -12.15 6.45
CA GLY A 244 -4.91 -11.04 5.73
C GLY A 244 -4.26 -10.82 4.37
N PRO A 245 -4.82 -9.91 3.57
CA PRO A 245 -4.28 -9.66 2.23
C PRO A 245 -2.95 -8.93 2.26
N THR A 246 -2.20 -9.08 1.18
CA THR A 246 -1.02 -8.26 0.95
C THR A 246 -1.50 -6.83 0.72
N GLY A 247 -0.58 -5.88 0.83
CA GLY A 247 -0.89 -4.50 0.52
C GLY A 247 -1.39 -3.66 1.69
N ILE A 248 -1.50 -4.26 2.87
CA ILE A 248 -1.85 -3.46 4.04
C ILE A 248 -1.12 -3.98 5.28
N GLY A 249 -0.83 -3.05 6.18
CA GLY A 249 -0.23 -3.39 7.47
C GLY A 249 -0.63 -2.25 8.38
N PHE A 250 -0.13 -2.23 9.60
CA PHE A 250 -0.48 -1.10 10.45
C PHE A 250 0.62 -0.69 11.41
N LEU A 251 0.53 0.57 11.82
CA LEU A 251 1.34 1.14 12.87
C LEU A 251 0.45 1.52 14.04
N TYR A 252 0.80 1.02 15.22
CA TYR A 252 0.21 1.52 16.45
C TYR A 252 1.16 2.53 17.05
N GLY A 253 0.61 3.66 17.50
CA GLY A 253 1.40 4.64 18.21
C GLY A 253 0.52 5.31 19.26
N LYS A 254 1.07 5.54 20.44
CA LYS A 254 0.34 6.25 21.50
C LYS A 254 -0.17 7.59 20.97
N SER A 255 -1.44 7.88 21.28
CA SER A 255 -2.13 9.05 20.76
C SER A 255 -1.31 10.33 20.93
N ASP A 256 -0.80 10.54 22.14
CA ASP A 256 0.02 11.71 22.46
C ASP A 256 1.23 11.81 21.54
N LEU A 257 1.82 10.67 21.20
CA LEU A 257 3.01 10.65 20.34
C LEU A 257 2.64 10.99 18.90
N LEU A 258 1.54 10.40 18.43
CA LEU A 258 1.08 10.67 17.07
C LEU A 258 0.70 12.13 16.91
N HIS A 259 0.02 12.68 17.92
CA HIS A 259 -0.41 14.08 17.87
C HIS A 259 0.80 15.01 17.79
N SER A 260 1.93 14.57 18.33
CA SER A 260 3.16 15.36 18.32
C SER A 260 3.90 15.24 17.00
N MET A 261 3.61 14.18 16.24
CA MET A 261 4.39 13.88 15.05
C MET A 261 3.87 14.61 13.81
N PRO A 262 4.79 15.08 12.95
CA PRO A 262 4.43 15.72 11.69
C PRO A 262 4.02 14.68 10.66
N PRO A 263 3.32 15.11 9.59
CA PRO A 263 2.96 14.15 8.56
C PRO A 263 4.17 13.53 7.89
N PHE A 264 3.99 12.30 7.44
CA PHE A 264 4.97 11.59 6.65
C PHE A 264 4.65 11.83 5.18
N LEU A 265 3.69 11.09 4.64
CA LEU A 265 3.23 11.34 3.28
C LEU A 265 2.24 12.50 3.26
N GLY A 266 2.25 13.29 2.19
CA GLY A 266 1.35 14.42 2.08
C GLY A 266 0.41 14.34 0.90
N GLY A 267 -0.69 15.07 0.98
CA GLY A 267 -1.62 15.13 -0.14
C GLY A 267 -3.07 15.05 0.29
N GLY A 268 -3.90 14.48 -0.59
CA GLY A 268 -5.31 14.34 -0.32
C GLY A 268 -5.61 13.55 0.95
N GLU A 269 -6.74 13.89 1.57
CA GLU A 269 -7.33 13.15 2.69
C GLU A 269 -6.67 13.41 4.05
N MET A 270 -5.36 13.66 4.05
CA MET A 270 -4.67 13.88 5.31
C MET A 270 -4.69 15.34 5.72
N ILE A 271 -5.28 16.19 4.86
CA ILE A 271 -5.28 17.64 5.13
C ILE A 271 -6.52 18.10 5.87
N SER A 272 -6.42 19.28 6.49
CA SER A 272 -7.59 19.96 7.02
C SER A 272 -8.02 21.00 6.00
N ASP A 273 -7.15 21.97 5.74
CA ASP A 273 -7.37 22.90 4.63
C ASP A 273 -6.12 23.02 3.78
N VAL A 274 -6.31 23.34 2.51
CA VAL A 274 -5.22 23.52 1.56
C VAL A 274 -5.33 24.89 0.89
N PHE A 275 -4.27 25.68 1.04
CA PHE A 275 -4.17 26.95 0.35
C PHE A 275 -2.95 26.94 -0.54
N LEU A 276 -2.87 27.87 -1.48
CA LEU A 276 -1.71 27.95 -2.38
C LEU A 276 -0.40 28.05 -1.60
N ASP A 277 -0.38 28.91 -0.58
CA ASP A 277 0.84 29.17 0.16
C ASP A 277 1.21 28.07 1.17
N HIS A 278 0.21 27.49 1.82
CA HIS A 278 0.46 26.44 2.81
C HIS A 278 -0.78 25.58 3.04
N SER A 279 -0.62 24.47 3.77
CA SER A 279 -1.76 23.63 4.12
C SER A 279 -1.76 23.30 5.61
N THR A 280 -2.94 22.99 6.14
CA THR A 280 -3.08 22.53 7.51
C THR A 280 -3.48 21.06 7.51
N TYR A 281 -3.12 20.35 8.57
CA TYR A 281 -3.26 18.91 8.57
C TYR A 281 -4.28 18.43 9.59
N ALA A 282 -4.90 17.30 9.28
CA ALA A 282 -5.87 16.68 10.16
C ALA A 282 -5.15 16.05 11.35
N GLU A 283 -5.91 15.59 12.32
CA GLU A 283 -5.34 14.89 13.47
C GLU A 283 -5.14 13.41 13.12
N PRO A 284 -4.31 12.71 13.91
CA PRO A 284 -4.15 11.26 13.70
C PRO A 284 -5.49 10.54 13.87
N PRO A 285 -5.68 9.42 13.15
CA PRO A 285 -4.70 8.81 12.25
C PRO A 285 -4.76 9.35 10.83
N SER A 286 -5.78 10.15 10.49
CA SER A 286 -5.95 10.60 9.12
C SER A 286 -4.75 11.42 8.63
N ARG A 287 -4.08 12.10 9.56
CA ARG A 287 -2.86 12.87 9.28
C ARG A 287 -1.81 12.05 8.53
N PHE A 288 -1.76 10.75 8.82
CA PHE A 288 -0.72 9.88 8.27
C PHE A 288 -1.24 8.98 7.15
N GLU A 289 -2.48 9.21 6.73
CA GLU A 289 -3.05 8.41 5.66
C GLU A 289 -3.33 9.28 4.44
N ALA A 290 -2.36 9.33 3.54
CA ALA A 290 -2.40 10.25 2.41
C ALA A 290 -2.99 9.55 1.17
N GLY A 291 -4.03 10.17 0.60
CA GLY A 291 -4.67 9.64 -0.59
C GLY A 291 -5.53 8.42 -0.32
N THR A 292 -6.11 7.88 -1.39
CA THR A 292 -7.05 6.76 -1.27
C THR A 292 -6.36 5.53 -0.67
N PRO A 293 -6.91 5.03 0.45
CA PRO A 293 -6.29 3.89 1.15
C PRO A 293 -6.62 2.54 0.52
N ALA A 294 -5.99 1.50 1.06
CA ALA A 294 -6.26 0.14 0.65
C ALA A 294 -7.60 -0.33 1.23
N ILE A 295 -8.70 0.22 0.72
CA ILE A 295 -10.02 0.06 1.36
C ILE A 295 -10.49 -1.39 1.48
N GLY A 296 -10.49 -2.10 0.37
CA GLY A 296 -10.92 -3.48 0.38
C GLY A 296 -9.99 -4.34 1.21
N GLU A 297 -8.71 -3.99 1.21
CA GLU A 297 -7.70 -4.76 1.91
C GLU A 297 -7.83 -4.57 3.43
N ALA A 298 -8.09 -3.34 3.85
CA ALA A 298 -8.35 -3.07 5.26
C ALA A 298 -9.55 -3.85 5.76
N ILE A 299 -10.62 -3.86 4.97
CA ILE A 299 -11.84 -4.55 5.38
C ILE A 299 -11.60 -6.07 5.48
N ALA A 300 -10.77 -6.61 4.59
CA ALA A 300 -10.44 -8.03 4.65
C ALA A 300 -9.47 -8.34 5.79
N LEU A 301 -8.66 -7.37 6.20
CA LEU A 301 -7.79 -7.54 7.35
C LEU A 301 -8.67 -7.63 8.60
N GLY A 302 -9.72 -6.82 8.63
CA GLY A 302 -10.71 -6.89 9.68
C GLY A 302 -11.28 -8.29 9.77
N ALA A 303 -11.60 -8.87 8.62
CA ALA A 303 -12.11 -10.24 8.59
C ALA A 303 -11.07 -11.24 9.10
N ALA A 304 -9.80 -11.02 8.77
CA ALA A 304 -8.73 -11.89 9.26
C ALA A 304 -8.64 -11.83 10.78
N VAL A 305 -8.78 -10.63 11.32
CA VAL A 305 -8.84 -10.45 12.76
C VAL A 305 -10.03 -11.22 13.36
N ASP A 306 -11.20 -11.11 12.73
CA ASP A 306 -12.39 -11.83 13.19
C ASP A 306 -12.14 -13.34 13.15
N TYR A 307 -11.45 -13.80 12.11
CA TYR A 307 -11.20 -15.22 11.93
C TYR A 307 -10.23 -15.74 13.01
N LEU A 308 -9.14 -15.00 13.24
CA LEU A 308 -8.16 -15.38 14.24
C LEU A 308 -8.78 -15.34 15.64
N SER A 309 -9.55 -14.29 15.91
CA SER A 309 -10.24 -14.13 17.19
C SER A 309 -11.27 -15.24 17.41
N GLY A 310 -11.88 -15.70 16.33
CA GLY A 310 -12.87 -16.76 16.38
C GLY A 310 -12.25 -18.08 16.82
N ILE A 311 -11.03 -18.34 16.36
CA ILE A 311 -10.28 -19.50 16.81
C ILE A 311 -9.82 -19.27 18.25
N GLY A 312 -9.24 -18.08 18.48
CA GLY A 312 -8.73 -17.72 19.79
C GLY A 312 -7.23 -17.72 19.77
N MET A 313 -6.63 -16.56 19.99
CA MET A 313 -5.17 -16.46 19.99
C MET A 313 -4.52 -17.32 21.10
N PRO A 314 -5.19 -17.48 22.25
CA PRO A 314 -4.64 -18.49 23.16
C PRO A 314 -4.63 -19.91 22.57
N LYS A 315 -5.71 -20.33 21.91
CA LYS A 315 -5.74 -21.65 21.29
C LYS A 315 -4.63 -21.77 20.23
N ILE A 316 -4.45 -20.71 19.46
CA ILE A 316 -3.45 -20.71 18.39
C ILE A 316 -2.03 -20.81 18.96
N HIS A 317 -1.73 -19.97 19.94
CA HIS A 317 -0.39 -19.94 20.53
C HIS A 317 -0.04 -21.25 21.22
N GLU A 318 -0.99 -21.84 21.93
CA GLU A 318 -0.75 -23.11 22.60
C GLU A 318 -0.52 -24.21 21.57
N TYR A 319 -1.27 -24.16 20.48
CA TYR A 319 -1.11 -25.13 19.40
C TYR A 319 0.26 -24.98 18.74
N GLU A 320 0.65 -23.73 18.48
CA GLU A 320 1.94 -23.46 17.87
C GLU A 320 3.08 -23.91 18.78
N VAL A 321 2.85 -23.84 20.09
CA VAL A 321 3.81 -24.34 21.07
C VAL A 321 4.07 -25.82 20.88
N GLU A 322 3.00 -26.59 20.78
CA GLU A 322 3.10 -28.04 20.62
C GLU A 322 3.75 -28.44 19.30
N ILE A 323 3.29 -27.88 18.18
CA ILE A 323 3.83 -28.26 16.89
C ILE A 323 5.21 -27.67 16.68
N GLY A 324 5.49 -26.54 17.33
CA GLY A 324 6.81 -25.91 17.24
C GLY A 324 7.87 -26.75 17.94
N LYS A 325 7.55 -27.23 19.15
CA LYS A 325 8.45 -28.10 19.88
C LYS A 325 8.66 -29.39 19.10
N TYR A 326 7.58 -29.90 18.53
CA TYR A 326 7.60 -31.13 17.76
C TYR A 326 8.51 -30.99 16.55
N LEU A 327 8.41 -29.86 15.87
CA LEU A 327 9.29 -29.55 14.75
C LEU A 327 10.74 -29.45 15.22
N TYR A 328 10.99 -28.74 16.32
CA TYR A 328 12.35 -28.61 16.85
C TYR A 328 12.94 -29.97 17.18
N GLU A 329 12.16 -30.79 17.88
CA GLU A 329 12.61 -32.10 18.35
C GLU A 329 12.98 -33.04 17.21
N LYS A 330 12.10 -33.13 16.22
CA LYS A 330 12.30 -34.05 15.10
C LYS A 330 13.44 -33.60 14.20
N LEU A 331 13.48 -32.31 13.91
CA LEU A 331 14.57 -31.75 13.13
C LEU A 331 15.91 -31.96 13.82
N SER A 332 15.96 -31.67 15.12
CA SER A 332 17.21 -31.80 15.86
C SER A 332 17.64 -33.25 16.01
N SER A 333 16.73 -34.19 15.80
CA SER A 333 17.07 -35.61 15.92
C SER A 333 17.83 -36.11 14.68
N LEU A 334 17.88 -35.30 13.63
CA LEU A 334 18.68 -35.65 12.47
C LEU A 334 20.14 -35.26 12.69
N PRO A 335 21.07 -36.17 12.36
CA PRO A 335 22.49 -35.86 12.51
C PRO A 335 22.95 -34.81 11.51
N ASP A 336 23.98 -34.04 11.89
CA ASP A 336 24.56 -32.99 11.05
C ASP A 336 23.65 -31.78 10.91
N VAL A 337 22.51 -31.80 11.57
CA VAL A 337 21.59 -30.66 11.57
C VAL A 337 21.88 -29.73 12.73
N ARG A 338 22.06 -28.44 12.43
CA ARG A 338 22.18 -27.42 13.47
C ARG A 338 21.02 -26.44 13.36
N ILE A 339 20.29 -26.26 14.46
CA ILE A 339 19.19 -25.29 14.50
C ILE A 339 19.63 -24.05 15.29
N TYR A 340 19.50 -22.88 14.65
CA TYR A 340 19.94 -21.64 15.28
C TYR A 340 18.93 -21.14 16.30
N GLY A 341 19.42 -20.43 17.31
CA GLY A 341 18.56 -19.94 18.37
C GLY A 341 18.56 -20.84 19.58
N PRO A 342 17.64 -20.59 20.53
CA PRO A 342 17.59 -21.30 21.80
C PRO A 342 16.90 -22.67 21.72
N ARG A 343 17.19 -23.53 22.68
CA ARG A 343 16.47 -24.80 22.82
C ARG A 343 15.20 -24.57 23.64
N PRO A 344 14.10 -25.21 23.22
CA PRO A 344 12.81 -25.05 23.92
C PRO A 344 12.82 -25.55 25.36
N SER A 345 12.13 -24.81 26.24
CA SER A 345 11.91 -25.20 27.62
C SER A 345 10.67 -24.46 28.13
N GLU A 346 10.37 -24.57 29.42
CA GLU A 346 9.26 -23.83 30.00
C GLU A 346 9.73 -22.46 30.48
N SER A 347 11.01 -22.19 30.31
CA SER A 347 11.58 -20.88 30.59
C SER A 347 11.83 -20.13 29.29
N VAL A 348 12.14 -20.87 28.23
CA VAL A 348 12.39 -20.30 26.92
C VAL A 348 11.33 -20.74 25.93
N HIS A 349 10.52 -19.79 25.48
CA HIS A 349 9.46 -20.06 24.52
C HIS A 349 9.96 -19.82 23.11
N ARG A 350 9.64 -20.73 22.19
CA ARG A 350 10.03 -20.59 20.79
C ARG A 350 8.83 -20.42 19.87
N GLY A 351 8.99 -19.61 18.83
CA GLY A 351 8.00 -19.53 17.78
C GLY A 351 8.01 -20.83 16.99
N ALA A 352 7.00 -21.04 16.16
CA ALA A 352 6.86 -22.30 15.43
C ALA A 352 7.62 -22.27 14.12
N LEU A 353 8.93 -22.05 14.23
CA LEU A 353 9.79 -22.09 13.06
C LEU A 353 11.20 -22.50 13.47
N CYS A 354 11.93 -23.08 12.52
CA CYS A 354 13.32 -23.45 12.75
C CYS A 354 14.18 -23.00 11.57
N SER A 355 15.20 -22.21 11.85
CA SER A 355 16.20 -21.88 10.86
C SER A 355 17.41 -22.79 11.10
N PHE A 356 17.84 -23.49 10.06
CA PHE A 356 18.85 -24.52 10.24
C PHE A 356 19.78 -24.69 9.05
N ASN A 357 20.85 -25.43 9.27
CA ASN A 357 21.74 -25.86 8.20
C ASN A 357 22.19 -27.29 8.42
N VAL A 358 22.51 -27.98 7.33
CA VAL A 358 23.01 -29.35 7.41
C VAL A 358 24.47 -29.38 6.99
N GLU A 359 25.30 -30.02 7.81
CA GLU A 359 26.74 -30.07 7.59
C GLU A 359 27.12 -30.40 6.15
N GLY A 360 27.93 -29.52 5.55
CA GLY A 360 28.47 -29.74 4.23
C GLY A 360 27.50 -29.51 3.07
N LEU A 361 26.27 -29.11 3.39
CA LEU A 361 25.26 -28.92 2.35
C LEU A 361 24.76 -27.48 2.30
N HIS A 362 24.42 -27.02 1.11
CA HIS A 362 23.90 -25.67 0.91
C HIS A 362 22.38 -25.66 1.03
N PRO A 363 21.83 -24.76 1.85
CA PRO A 363 20.39 -24.67 2.08
C PRO A 363 19.55 -24.45 0.81
N THR A 364 20.12 -23.82 -0.21
CA THR A 364 19.40 -23.61 -1.47
C THR A 364 19.20 -24.95 -2.19
N ASP A 365 20.22 -25.81 -2.13
CA ASP A 365 20.08 -27.16 -2.67
C ASP A 365 19.00 -27.94 -1.92
N LEU A 366 18.97 -27.79 -0.61
CA LEU A 366 17.94 -28.44 0.20
C LEU A 366 16.53 -27.99 -0.20
N ALA A 367 16.34 -26.68 -0.25
CA ALA A 367 15.02 -26.11 -0.56
C ALA A 367 14.55 -26.50 -1.96
N THR A 368 15.47 -26.47 -2.91
CA THR A 368 15.17 -26.79 -4.31
C THR A 368 14.70 -28.24 -4.46
N PHE A 369 15.48 -29.17 -3.91
CA PHE A 369 15.15 -30.59 -3.98
C PHE A 369 13.86 -30.90 -3.22
N LEU A 370 13.69 -30.30 -2.05
CA LEU A 370 12.47 -30.49 -1.26
C LEU A 370 11.22 -30.11 -2.05
N ASP A 371 11.31 -29.00 -2.75
CA ASP A 371 10.20 -28.52 -3.56
C ASP A 371 10.00 -29.39 -4.80
N GLN A 372 11.07 -29.54 -5.59
CA GLN A 372 10.96 -30.25 -6.87
C GLN A 372 10.62 -31.73 -6.72
N GLN A 373 11.13 -32.37 -5.68
CA GLN A 373 10.96 -33.83 -5.56
C GLN A 373 9.94 -34.27 -4.51
N HIS A 374 9.61 -33.39 -3.58
CA HIS A 374 8.73 -33.77 -2.47
C HIS A 374 7.55 -32.81 -2.27
N GLY A 375 7.52 -31.71 -3.02
CA GLY A 375 6.46 -30.73 -2.91
C GLY A 375 6.47 -29.98 -1.60
N VAL A 376 7.61 -30.02 -0.90
CA VAL A 376 7.77 -29.34 0.37
C VAL A 376 8.30 -27.92 0.16
N ALA A 377 7.61 -26.94 0.74
CA ALA A 377 7.98 -25.54 0.54
C ALA A 377 8.61 -24.91 1.78
N ILE A 378 9.93 -24.71 1.73
CA ILE A 378 10.62 -23.92 2.74
C ILE A 378 11.35 -22.80 2.02
N ARG A 379 12.18 -22.06 2.74
CA ARG A 379 13.02 -21.07 2.08
C ARG A 379 14.46 -21.14 2.52
N SER A 380 15.34 -20.67 1.64
CA SER A 380 16.76 -20.57 1.91
C SER A 380 17.19 -19.13 1.67
N GLY A 381 18.17 -18.67 2.43
CA GLY A 381 18.62 -17.29 2.34
C GLY A 381 18.88 -16.70 3.71
N HIS A 382 19.04 -15.38 3.79
CA HIS A 382 19.31 -14.72 5.05
C HIS A 382 18.03 -14.25 5.72
N HIS A 383 16.90 -14.47 5.04
CA HIS A 383 15.56 -14.16 5.55
C HIS A 383 15.42 -12.72 6.05
N SER A 384 16.08 -11.81 5.34
CA SER A 384 16.15 -10.38 5.66
C SER A 384 16.81 -10.10 7.01
N ALA A 385 17.79 -10.93 7.35
CA ALA A 385 18.57 -10.76 8.56
C ALA A 385 20.01 -11.15 8.29
N GLN A 386 20.58 -10.57 7.24
CA GLN A 386 21.95 -10.86 6.83
C GLN A 386 22.98 -10.66 7.94
N PRO A 387 22.86 -9.57 8.74
CA PRO A 387 23.87 -9.44 9.81
C PRO A 387 23.83 -10.60 10.81
N LEU A 388 22.64 -11.09 11.12
CA LEU A 388 22.51 -12.22 12.04
C LEU A 388 23.22 -13.46 11.52
N HIS A 389 23.10 -13.71 10.21
CA HIS A 389 23.76 -14.87 9.62
C HIS A 389 25.27 -14.67 9.65
N ARG A 390 25.71 -13.43 9.44
CA ARG A 390 27.14 -13.11 9.52
C ARG A 390 27.69 -13.42 10.91
N TYR A 391 26.95 -13.01 11.94
CA TYR A 391 27.40 -13.26 13.30
C TYR A 391 27.36 -14.77 13.61
N LEU A 392 26.47 -15.48 12.94
CA LEU A 392 26.38 -16.94 13.12
C LEU A 392 27.43 -17.66 12.29
N GLY A 393 28.01 -16.97 11.31
CA GLY A 393 29.10 -17.52 10.53
C GLY A 393 28.67 -18.16 9.21
N VAL A 394 27.48 -17.82 8.74
CA VAL A 394 26.99 -18.33 7.46
C VAL A 394 26.36 -17.22 6.62
N ASN A 395 26.22 -17.48 5.33
CA ASN A 395 25.59 -16.52 4.43
C ASN A 395 24.09 -16.77 4.28
N ALA A 396 23.69 -18.01 4.51
CA ALA A 396 22.30 -18.40 4.33
C ALA A 396 21.95 -19.59 5.21
N SER A 397 20.65 -19.77 5.44
CA SER A 397 20.15 -20.92 6.17
C SER A 397 18.84 -21.38 5.56
N ALA A 398 18.45 -22.60 5.87
CA ALA A 398 17.12 -23.07 5.51
C ALA A 398 16.16 -22.72 6.64
N ARG A 399 14.90 -22.46 6.30
CA ARG A 399 13.91 -22.17 7.33
C ARG A 399 12.57 -22.85 7.07
N ALA A 400 12.11 -23.60 8.06
CA ALA A 400 10.78 -24.21 8.05
C ALA A 400 9.89 -23.46 9.05
N SER A 401 8.82 -22.85 8.56
CA SER A 401 7.96 -22.07 9.44
C SER A 401 6.50 -22.48 9.35
N LEU A 402 5.87 -22.64 10.50
CA LEU A 402 4.50 -23.14 10.58
C LEU A 402 3.48 -22.08 10.95
N TYR A 403 2.22 -22.40 10.69
CA TYR A 403 1.09 -21.63 11.18
C TYR A 403 0.08 -22.65 11.72
N PHE A 404 -1.07 -22.20 12.20
CA PHE A 404 -2.01 -23.10 12.86
C PHE A 404 -2.75 -24.03 11.88
N TYR A 405 -2.54 -23.85 10.58
CA TYR A 405 -3.12 -24.77 9.59
C TYR A 405 -2.16 -25.89 9.24
N ASN A 406 -0.96 -25.86 9.83
CA ASN A 406 -0.04 -26.98 9.73
C ASN A 406 -0.34 -28.04 10.78
N THR A 407 0.20 -29.22 10.58
CA THR A 407 -0.08 -30.35 11.47
C THR A 407 1.19 -31.10 11.80
N LYS A 408 1.08 -32.06 12.72
CA LYS A 408 2.17 -32.98 13.01
C LYS A 408 2.47 -33.83 11.78
N ASP A 409 1.42 -34.18 11.04
CA ASP A 409 1.59 -34.90 9.77
C ASP A 409 2.47 -34.13 8.80
N ASP A 410 2.34 -32.80 8.82
CA ASP A 410 3.17 -31.96 7.95
C ASP A 410 4.63 -32.05 8.34
N VAL A 411 4.88 -31.99 9.64
CA VAL A 411 6.24 -32.09 10.18
C VAL A 411 6.87 -33.45 9.83
N ASP A 412 6.10 -34.52 9.98
CA ASP A 412 6.60 -35.86 9.68
C ASP A 412 7.01 -35.97 8.20
N ALA A 413 6.15 -35.49 7.32
CA ALA A 413 6.43 -35.50 5.87
C ALA A 413 7.70 -34.71 5.56
N PHE A 414 7.81 -33.54 6.18
CA PHE A 414 8.99 -32.70 6.04
C PHE A 414 10.27 -33.42 6.50
N ILE A 415 10.20 -34.07 7.65
CA ILE A 415 11.37 -34.77 8.18
C ILE A 415 11.77 -35.92 7.27
N VAL A 416 10.78 -36.71 6.83
CA VAL A 416 11.04 -37.78 5.88
C VAL A 416 11.68 -37.23 4.60
N ALA A 417 11.09 -36.19 4.04
CA ALA A 417 11.58 -35.58 2.81
C ALA A 417 12.99 -35.00 2.99
N LEU A 418 13.24 -34.36 4.12
CA LEU A 418 14.54 -33.74 4.38
C LEU A 418 15.62 -34.81 4.51
N ALA A 419 15.30 -35.90 5.20
CA ALA A 419 16.22 -37.01 5.33
C ALA A 419 16.58 -37.58 3.97
N ASP A 420 15.58 -37.66 3.09
CA ASP A 420 15.81 -38.13 1.74
C ASP A 420 16.68 -37.15 0.94
N THR A 421 16.43 -35.86 1.13
CA THR A 421 17.18 -34.82 0.43
C THR A 421 18.66 -34.84 0.84
N VAL A 422 18.90 -34.93 2.14
CA VAL A 422 20.26 -35.01 2.66
C VAL A 422 20.99 -36.24 2.12
N SER A 423 20.30 -37.38 2.16
CA SER A 423 20.81 -38.62 1.62
C SER A 423 21.22 -38.45 0.16
N PHE A 424 20.37 -37.78 -0.62
CA PHE A 424 20.64 -37.56 -2.04
C PHE A 424 21.94 -36.79 -2.29
N PHE A 425 22.09 -35.63 -1.65
CA PHE A 425 23.26 -34.82 -1.93
C PHE A 425 24.54 -35.44 -1.37
N ASN A 426 24.41 -36.18 -0.28
CA ASN A 426 25.58 -36.85 0.30
C ASN A 426 25.99 -38.10 -0.46
N SER A 427 25.08 -38.63 -1.28
CA SER A 427 25.38 -39.82 -2.05
C SER A 427 26.51 -39.58 -3.05
N PHE A 428 26.73 -38.31 -3.40
CA PHE A 428 27.78 -37.95 -4.35
C PHE A 428 29.12 -37.73 -3.65
N LYS A 429 29.10 -37.73 -2.32
CA LYS A 429 30.30 -37.61 -1.49
C LYS A 429 31.19 -36.44 -1.90
N VAL B 17 -26.22 -2.04 -29.60
CA VAL B 17 -25.96 -1.96 -28.16
C VAL B 17 -24.66 -1.21 -27.89
N SER B 18 -24.76 -0.14 -27.10
CA SER B 18 -23.61 0.71 -26.82
C SER B 18 -22.59 0.00 -25.95
N LEU B 19 -21.39 0.56 -25.84
CA LEU B 19 -20.33 -0.04 -25.06
C LEU B 19 -20.77 -0.25 -23.61
N GLY B 20 -21.45 0.75 -23.05
CA GLY B 20 -21.94 0.69 -21.69
C GLY B 20 -22.90 -0.46 -21.46
N HIS B 21 -23.86 -0.62 -22.36
CA HIS B 21 -24.83 -1.69 -22.22
C HIS B 21 -24.18 -3.05 -22.50
N ARG B 22 -23.07 -3.03 -23.22
CA ARG B 22 -22.33 -4.25 -23.51
C ARG B 22 -21.56 -4.76 -22.29
N VAL B 23 -20.90 -3.85 -21.56
CA VAL B 23 -20.02 -4.25 -20.47
C VAL B 23 -20.67 -4.20 -19.07
N ARG B 24 -21.87 -3.65 -18.96
CA ARG B 24 -22.51 -3.50 -17.65
C ARG B 24 -22.64 -4.83 -16.89
N LYS B 25 -22.84 -5.90 -17.65
CA LYS B 25 -22.91 -7.25 -17.09
C LYS B 25 -21.66 -7.66 -16.29
N ASP B 26 -20.52 -7.04 -16.60
CA ASP B 26 -19.25 -7.44 -16.01
C ASP B 26 -19.12 -6.94 -14.58
N PHE B 27 -19.90 -5.92 -14.27
CA PHE B 27 -19.76 -5.18 -13.03
C PHE B 27 -20.91 -5.49 -12.09
N ARG B 28 -20.70 -6.45 -11.19
CA ARG B 28 -21.76 -6.95 -10.31
C ARG B 28 -22.43 -5.84 -9.50
N ILE B 29 -21.63 -4.86 -9.10
CA ILE B 29 -22.06 -3.84 -8.15
C ILE B 29 -23.12 -2.90 -8.71
N LEU B 30 -23.21 -2.82 -10.04
CA LEU B 30 -24.15 -1.91 -10.67
C LEU B 30 -25.57 -2.45 -10.61
N HIS B 31 -25.71 -3.74 -10.35
CA HIS B 31 -27.02 -4.38 -10.42
C HIS B 31 -27.62 -4.58 -9.05
N GLN B 32 -28.01 -3.47 -8.43
CA GLN B 32 -28.68 -3.49 -7.15
C GLN B 32 -29.50 -2.23 -6.95
N GLU B 33 -30.39 -2.26 -5.98
CA GLU B 33 -31.14 -1.07 -5.61
C GLU B 33 -30.58 -0.48 -4.33
N VAL B 34 -30.49 0.84 -4.30
CA VAL B 34 -30.12 1.54 -3.07
C VAL B 34 -31.22 2.53 -2.72
N ASN B 35 -31.53 2.61 -1.43
CA ASN B 35 -32.57 3.51 -0.94
C ASN B 35 -33.91 3.32 -1.67
N GLY B 36 -34.14 2.11 -2.18
CA GLY B 36 -35.40 1.79 -2.85
C GLY B 36 -35.39 2.05 -4.35
N SER B 37 -34.31 2.63 -4.85
CA SER B 37 -34.20 2.97 -6.26
C SER B 37 -33.05 2.21 -6.92
N LYS B 38 -33.17 1.95 -8.22
CA LYS B 38 -32.08 1.34 -8.97
C LYS B 38 -30.83 2.23 -8.91
N LEU B 39 -29.69 1.63 -8.55
CA LEU B 39 -28.44 2.39 -8.42
C LEU B 39 -28.03 3.05 -9.73
N VAL B 40 -27.64 4.32 -9.65
CA VAL B 40 -27.02 5.02 -10.79
C VAL B 40 -25.67 5.57 -10.33
N TYR B 41 -24.60 4.89 -10.71
CA TYR B 41 -23.28 5.26 -10.22
C TYR B 41 -22.61 6.26 -11.16
N LEU B 42 -22.41 7.47 -10.62
CA LEU B 42 -21.76 8.57 -11.33
C LEU B 42 -20.64 9.18 -10.49
N ASP B 43 -19.82 8.32 -9.87
CA ASP B 43 -18.75 8.78 -9.01
C ASP B 43 -17.43 8.09 -9.33
N SER B 44 -17.20 7.80 -10.61
CA SER B 44 -16.02 7.01 -10.99
C SER B 44 -14.73 7.84 -10.84
N ALA B 45 -14.85 9.16 -10.82
CA ALA B 45 -13.67 10.01 -10.61
C ALA B 45 -13.14 9.85 -9.19
N ALA B 46 -14.01 9.49 -8.26
CA ALA B 46 -13.59 9.18 -6.89
C ALA B 46 -12.98 7.77 -6.81
N THR B 47 -13.66 6.81 -7.42
CA THR B 47 -13.08 5.48 -7.65
C THR B 47 -13.95 4.71 -8.63
N SER B 48 -13.34 3.76 -9.34
CA SER B 48 -14.07 2.99 -10.35
C SER B 48 -14.55 1.65 -9.80
N GLN B 49 -15.46 1.03 -10.53
CA GLN B 49 -15.93 -0.31 -10.20
C GLN B 49 -15.16 -1.37 -10.98
N LYS B 50 -15.20 -2.62 -10.52
CA LYS B 50 -14.32 -3.68 -11.04
C LYS B 50 -15.08 -4.78 -11.74
N PRO B 51 -14.62 -5.15 -12.95
CA PRO B 51 -15.19 -6.26 -13.72
C PRO B 51 -14.87 -7.62 -13.09
N ALA B 52 -15.71 -8.62 -13.34
CA ALA B 52 -15.49 -9.95 -12.77
C ALA B 52 -14.09 -10.50 -13.05
N ALA B 53 -13.54 -10.19 -14.22
CA ALA B 53 -12.20 -10.66 -14.60
C ALA B 53 -11.12 -10.25 -13.60
N VAL B 54 -11.21 -9.03 -13.10
CA VAL B 54 -10.24 -8.54 -12.14
C VAL B 54 -10.41 -9.24 -10.80
N LEU B 55 -11.66 -9.35 -10.35
CA LEU B 55 -11.93 -9.97 -9.06
C LEU B 55 -11.55 -11.44 -9.07
N ASP B 56 -11.73 -12.09 -10.22
CA ASP B 56 -11.39 -13.50 -10.39
C ASP B 56 -9.88 -13.71 -10.28
N ALA B 57 -9.12 -12.79 -10.89
CA ALA B 57 -7.66 -12.88 -10.87
C ALA B 57 -7.15 -12.68 -9.44
N LEU B 58 -7.83 -11.83 -8.68
CA LEU B 58 -7.48 -11.61 -7.29
C LEU B 58 -7.74 -12.86 -6.48
N GLN B 59 -8.93 -13.43 -6.64
CA GLN B 59 -9.32 -14.65 -5.93
C GLN B 59 -8.45 -15.85 -6.31
N ASN B 60 -8.13 -15.94 -7.59
CA ASN B 60 -7.33 -17.04 -8.09
C ASN B 60 -5.93 -17.00 -7.50
N TYR B 61 -5.38 -15.79 -7.34
CA TYR B 61 -4.08 -15.63 -6.69
C TYR B 61 -4.11 -16.18 -5.27
N TYR B 62 -5.05 -15.69 -4.47
CA TYR B 62 -5.08 -16.09 -3.07
C TYR B 62 -5.42 -17.56 -2.87
N GLU B 63 -6.28 -18.12 -3.71
CA GLU B 63 -6.67 -19.51 -3.54
C GLU B 63 -5.65 -20.51 -4.08
N PHE B 64 -4.78 -20.08 -4.98
CA PHE B 64 -3.96 -21.08 -5.67
C PHE B 64 -2.46 -20.88 -5.67
N TYR B 65 -1.94 -19.66 -5.60
CA TYR B 65 -0.48 -19.52 -5.62
C TYR B 65 0.11 -18.34 -4.84
N ASN B 66 -0.62 -17.87 -3.84
CA ASN B 66 -0.09 -16.89 -2.90
C ASN B 66 1.19 -17.41 -2.21
N SER B 67 2.24 -16.61 -2.26
CA SER B 67 3.51 -16.89 -1.59
C SER B 67 4.34 -15.61 -1.73
N ASN B 68 5.35 -15.40 -0.89
CA ASN B 68 6.10 -14.15 -1.01
C ASN B 68 6.96 -14.22 -2.27
N VAL B 69 7.32 -13.06 -2.79
CA VAL B 69 7.95 -13.00 -4.11
C VAL B 69 9.45 -12.75 -4.02
N HIS B 70 10.16 -13.19 -5.06
CA HIS B 70 11.61 -13.03 -5.24
C HIS B 70 12.44 -13.93 -4.30
N ARG B 71 13.52 -14.50 -4.84
CA ARG B 71 14.44 -15.36 -4.08
C ARG B 71 13.73 -16.51 -3.37
N GLY B 72 12.54 -16.87 -3.87
CA GLY B 72 11.76 -17.93 -3.29
C GLY B 72 11.82 -19.13 -4.20
N ILE B 73 12.39 -20.21 -3.70
CA ILE B 73 12.68 -21.35 -4.54
C ILE B 73 11.43 -22.14 -4.92
N HIS B 74 10.51 -22.31 -3.97
CA HIS B 74 9.45 -23.31 -4.15
C HIS B 74 8.42 -22.89 -5.20
N TYR B 75 7.62 -23.86 -5.63
CA TYR B 75 6.71 -23.73 -6.76
C TYR B 75 5.79 -22.51 -6.67
N LEU B 76 5.08 -22.36 -5.55
CA LEU B 76 4.12 -21.28 -5.39
C LEU B 76 4.79 -19.92 -5.47
N SER B 77 5.96 -19.81 -4.83
CA SER B 77 6.74 -18.58 -4.84
C SER B 77 7.18 -18.21 -6.25
N ALA B 78 7.71 -19.18 -6.99
CA ALA B 78 8.12 -18.94 -8.36
C ALA B 78 6.95 -18.45 -9.21
N LYS B 79 5.78 -19.04 -9.01
CA LYS B 79 4.60 -18.66 -9.78
C LYS B 79 4.12 -17.25 -9.41
N ALA B 80 4.00 -16.98 -8.11
CA ALA B 80 3.63 -15.65 -7.64
C ALA B 80 4.61 -14.60 -8.15
N THR B 81 5.89 -14.94 -8.13
CA THR B 81 6.92 -14.00 -8.58
C THR B 81 6.80 -13.73 -10.07
N ASP B 82 6.58 -14.79 -10.84
CA ASP B 82 6.41 -14.65 -12.29
C ASP B 82 5.20 -13.78 -12.63
N GLU B 83 4.08 -14.02 -11.96
CA GLU B 83 2.86 -13.24 -12.23
C GLU B 83 3.02 -11.80 -11.75
N PHE B 84 3.68 -11.61 -10.61
CA PHE B 84 3.93 -10.27 -10.08
C PHE B 84 4.75 -9.43 -11.05
N GLU B 85 5.84 -10.00 -11.54
CA GLU B 85 6.70 -9.28 -12.48
C GLU B 85 6.07 -9.16 -13.86
N LEU B 86 5.26 -10.14 -14.25
CA LEU B 86 4.51 -10.04 -15.50
C LEU B 86 3.53 -8.87 -15.44
N ALA B 87 2.95 -8.65 -14.27
CA ALA B 87 2.01 -7.55 -14.08
C ALA B 87 2.70 -6.21 -14.23
N ARG B 88 3.95 -6.13 -13.77
CA ARG B 88 4.76 -4.93 -13.94
C ARG B 88 4.99 -4.64 -15.43
N LYS B 89 5.20 -5.68 -16.21
CA LYS B 89 5.41 -5.53 -17.66
C LYS B 89 4.12 -5.13 -18.38
N LYS B 90 2.99 -5.64 -17.89
CA LYS B 90 1.69 -5.28 -18.45
C LYS B 90 1.43 -3.79 -18.28
N VAL B 91 1.77 -3.27 -17.11
CA VAL B 91 1.62 -1.84 -16.82
C VAL B 91 2.55 -1.01 -17.70
N ALA B 92 3.79 -1.47 -17.86
CA ALA B 92 4.77 -0.77 -18.69
C ALA B 92 4.30 -0.71 -20.14
N ARG B 93 3.74 -1.81 -20.62
CA ARG B 93 3.22 -1.90 -21.98
C ARG B 93 2.03 -0.97 -22.18
N PHE B 94 1.16 -0.90 -21.18
CA PHE B 94 -0.06 -0.07 -21.21
C PHE B 94 0.25 1.41 -21.41
N ILE B 95 1.30 1.91 -20.76
CA ILE B 95 1.66 3.31 -20.90
C ILE B 95 2.87 3.48 -21.81
N ASN B 96 3.21 2.41 -22.51
CA ASN B 96 4.33 2.39 -23.46
C ASN B 96 5.64 2.87 -22.84
N ALA B 97 5.94 2.39 -21.64
CA ALA B 97 7.27 2.57 -21.08
C ALA B 97 8.25 1.77 -21.92
N SER B 98 9.49 2.21 -22.01
CA SER B 98 10.49 1.49 -22.80
C SER B 98 11.05 0.29 -22.04
N ASP B 99 11.00 0.36 -20.71
CA ASP B 99 11.52 -0.69 -19.85
C ASP B 99 10.56 -0.92 -18.68
N SER B 100 10.28 -2.19 -18.37
CA SER B 100 9.40 -2.51 -17.25
C SER B 100 10.03 -2.10 -15.93
N ARG B 101 11.36 -1.97 -15.93
CA ARG B 101 12.10 -1.55 -14.75
C ARG B 101 11.88 -0.06 -14.45
N GLU B 102 11.15 0.63 -15.32
CA GLU B 102 10.79 2.02 -15.09
C GLU B 102 9.43 2.14 -14.39
N ILE B 103 8.89 1.00 -13.97
CA ILE B 103 7.62 0.98 -13.23
C ILE B 103 7.87 0.60 -11.76
N VAL B 104 7.44 1.46 -10.85
CA VAL B 104 7.58 1.22 -9.42
C VAL B 104 6.22 1.17 -8.73
N PHE B 105 5.95 0.09 -8.03
CA PHE B 105 4.66 -0.13 -7.39
C PHE B 105 4.54 0.63 -6.07
N THR B 106 3.42 1.33 -5.89
CA THR B 106 3.13 2.07 -4.67
C THR B 106 1.71 1.74 -4.20
N ARG B 107 1.23 2.41 -3.15
CA ARG B 107 -0.14 2.20 -2.70
C ARG B 107 -1.14 2.96 -3.58
N ASN B 108 -0.69 4.14 -4.03
CA ASN B 108 -1.50 5.02 -4.87
C ASN B 108 -0.62 6.08 -5.50
N ALA B 109 -1.20 6.92 -6.36
CA ALA B 109 -0.43 7.98 -7.02
C ALA B 109 0.11 8.97 -6.00
N THR B 110 -0.66 9.21 -4.94
CA THR B 110 -0.24 10.11 -3.88
C THR B 110 1.12 9.68 -3.35
N GLU B 111 1.26 8.42 -2.98
CA GLU B 111 2.56 7.92 -2.52
C GLU B 111 3.62 8.11 -3.61
N ALA B 112 3.26 7.82 -4.86
CA ALA B 112 4.21 7.94 -5.96
C ALA B 112 4.72 9.38 -6.10
N ILE B 113 3.83 10.35 -5.91
CA ILE B 113 4.24 11.75 -5.93
C ILE B 113 5.17 12.03 -4.76
N ASN B 114 4.83 11.50 -3.59
CA ASN B 114 5.66 11.65 -2.40
C ASN B 114 7.05 11.04 -2.58
N LEU B 115 7.14 9.91 -3.28
CA LEU B 115 8.43 9.29 -3.59
C LEU B 115 9.31 10.27 -4.36
N VAL B 116 8.74 10.85 -5.43
CA VAL B 116 9.47 11.82 -6.24
C VAL B 116 9.88 13.03 -5.42
N ALA B 117 8.94 13.55 -4.61
CA ALA B 117 9.22 14.69 -3.75
C ALA B 117 10.37 14.44 -2.79
N TYR B 118 10.37 13.27 -2.16
CA TYR B 118 11.39 12.95 -1.17
C TYR B 118 12.73 12.59 -1.80
N SER B 119 12.70 11.64 -2.74
CA SER B 119 13.90 11.11 -3.34
C SER B 119 14.55 12.08 -4.31
N TRP B 120 13.78 12.55 -5.29
CA TRP B 120 14.33 13.47 -6.29
C TRP B 120 14.34 14.91 -5.79
N GLY B 121 13.24 15.33 -5.16
CA GLY B 121 13.09 16.71 -4.73
C GLY B 121 14.12 17.20 -3.73
N LEU B 122 14.22 16.53 -2.58
CA LEU B 122 15.06 17.01 -1.48
C LEU B 122 16.55 16.97 -1.83
N SER B 123 16.91 16.19 -2.84
CA SER B 123 18.31 16.05 -3.23
C SER B 123 18.67 16.83 -4.49
N ASN B 124 17.73 17.61 -5.00
CA ASN B 124 18.00 18.39 -6.22
C ASN B 124 17.50 19.82 -6.16
N LEU B 125 16.56 20.10 -5.26
CA LEU B 125 16.02 21.44 -5.14
C LEU B 125 16.82 22.28 -4.15
N LYS B 126 17.23 23.45 -4.60
CA LYS B 126 18.00 24.38 -3.77
C LYS B 126 17.17 25.64 -3.51
N PRO B 127 17.60 26.48 -2.55
CA PRO B 127 16.87 27.73 -2.31
C PRO B 127 16.79 28.59 -3.57
N GLY B 128 15.57 28.96 -3.97
CA GLY B 128 15.38 29.76 -5.15
C GLY B 128 14.83 28.98 -6.33
N ASP B 129 15.04 27.67 -6.34
CA ASP B 129 14.54 26.82 -7.41
C ASP B 129 13.02 26.92 -7.48
N GLU B 130 12.47 26.86 -8.68
CA GLU B 130 11.03 27.01 -8.87
C GLU B 130 10.35 25.72 -9.30
N VAL B 131 9.18 25.46 -8.70
CA VAL B 131 8.32 24.37 -9.11
C VAL B 131 7.02 24.96 -9.66
N ILE B 132 6.68 24.60 -10.89
CA ILE B 132 5.48 25.12 -11.53
C ILE B 132 4.28 24.17 -11.38
N LEU B 133 3.19 24.69 -10.84
CA LEU B 133 1.93 23.96 -10.74
C LEU B 133 0.80 24.85 -11.26
N THR B 134 -0.41 24.30 -11.33
CA THR B 134 -1.58 25.11 -11.68
C THR B 134 -2.54 25.17 -10.51
N VAL B 135 -3.44 26.15 -10.52
CA VAL B 135 -4.41 26.31 -9.44
C VAL B 135 -5.46 25.19 -9.42
N ALA B 136 -5.48 24.36 -10.47
CA ALA B 136 -6.43 23.26 -10.55
C ALA B 136 -5.83 21.93 -10.08
N GLU B 137 -4.64 22.01 -9.48
CA GLU B 137 -3.93 20.80 -9.06
C GLU B 137 -4.62 20.08 -7.90
N HIS B 138 -4.62 18.76 -7.99
CA HIS B 138 -5.07 17.87 -6.91
C HIS B 138 -4.19 18.07 -5.68
N HIS B 139 -4.76 17.89 -4.50
CA HIS B 139 -4.02 18.09 -3.25
C HIS B 139 -2.77 17.23 -3.14
N SER B 140 -2.81 16.05 -3.76
CA SER B 140 -1.66 15.15 -3.74
C SER B 140 -0.55 15.65 -4.65
N CYS B 141 -0.90 16.62 -5.50
CA CYS B 141 0.07 17.24 -6.37
C CYS B 141 0.15 18.71 -6.01
N ILE B 142 0.05 19.00 -4.72
CA ILE B 142 0.25 20.34 -4.17
C ILE B 142 1.00 20.25 -2.85
N VAL B 143 0.46 19.45 -1.94
CA VAL B 143 1.01 19.37 -0.59
C VAL B 143 2.44 18.81 -0.54
N PRO B 144 2.74 17.72 -1.28
CA PRO B 144 4.12 17.26 -1.20
C PRO B 144 5.13 18.32 -1.64
N TRP B 145 4.77 19.12 -2.65
CA TRP B 145 5.68 20.16 -3.14
C TRP B 145 5.73 21.36 -2.18
N GLN B 146 4.64 21.61 -1.46
CA GLN B 146 4.66 22.63 -0.42
C GLN B 146 5.67 22.27 0.65
N ILE B 147 5.64 21.01 1.06
CA ILE B 147 6.52 20.51 2.10
C ILE B 147 7.99 20.54 1.66
N VAL B 148 8.24 20.14 0.42
CA VAL B 148 9.58 20.20 -0.15
C VAL B 148 10.09 21.64 -0.17
N SER B 149 9.21 22.56 -0.52
CA SER B 149 9.53 23.98 -0.52
C SER B 149 9.96 24.45 0.86
N GLN B 150 9.20 24.05 1.87
CA GLN B 150 9.46 24.44 3.25
C GLN B 150 10.80 23.90 3.73
N LYS B 151 11.24 22.79 3.16
CA LYS B 151 12.46 22.11 3.62
C LYS B 151 13.72 22.54 2.85
N THR B 152 13.56 22.92 1.58
CA THR B 152 14.72 23.20 0.74
C THR B 152 14.85 24.67 0.36
N GLY B 153 13.78 25.44 0.56
CA GLY B 153 13.81 26.85 0.24
C GLY B 153 13.36 27.13 -1.19
N ALA B 154 12.93 26.09 -1.89
CA ALA B 154 12.37 26.27 -3.23
C ALA B 154 11.04 27.02 -3.15
N VAL B 155 10.58 27.53 -4.28
CA VAL B 155 9.34 28.30 -4.31
C VAL B 155 8.37 27.77 -5.37
N LEU B 156 7.08 27.82 -5.04
CA LEU B 156 6.05 27.31 -5.93
C LEU B 156 5.47 28.44 -6.79
N LYS B 157 5.36 28.20 -8.09
CA LYS B 157 4.74 29.15 -9.00
C LYS B 157 3.47 28.55 -9.59
N PHE B 158 2.33 29.13 -9.25
CA PHE B 158 1.04 28.59 -9.66
C PHE B 158 0.51 29.27 -10.92
N VAL B 159 0.02 28.45 -11.86
CA VAL B 159 -0.60 28.95 -13.08
C VAL B 159 -2.10 29.15 -12.89
N THR B 160 -2.58 30.38 -13.10
CA THR B 160 -4.00 30.67 -12.95
C THR B 160 -4.80 30.25 -14.18
N LEU B 161 -6.11 30.43 -14.12
CA LEU B 161 -6.98 30.03 -15.22
C LEU B 161 -7.29 31.19 -16.16
N ASN B 162 -7.68 30.86 -17.39
CA ASN B 162 -8.15 31.87 -18.32
C ASN B 162 -9.67 31.97 -18.28
N GLU B 163 -10.23 32.70 -19.24
CA GLU B 163 -11.68 32.89 -19.30
C GLU B 163 -12.43 31.61 -19.65
N ASP B 164 -11.73 30.63 -20.19
CA ASP B 164 -12.36 29.36 -20.54
C ASP B 164 -12.27 28.36 -19.39
N GLU B 165 -11.78 28.85 -18.25
CA GLU B 165 -11.61 28.05 -17.03
C GLU B 165 -10.70 26.84 -17.26
N VAL B 166 -9.60 27.09 -17.95
CA VAL B 166 -8.51 26.12 -18.06
C VAL B 166 -7.20 26.85 -17.71
N PRO B 167 -6.19 26.10 -17.25
CA PRO B 167 -4.90 26.74 -16.93
C PRO B 167 -4.37 27.56 -18.10
N ASP B 168 -3.98 28.81 -17.83
CA ASP B 168 -3.50 29.71 -18.88
C ASP B 168 -2.16 29.22 -19.42
N ILE B 169 -2.19 28.60 -20.59
CA ILE B 169 -0.99 27.98 -21.15
C ILE B 169 0.07 29.05 -21.48
N ASN B 170 -0.38 30.27 -21.76
CA ASN B 170 0.53 31.39 -21.97
C ASN B 170 1.26 31.76 -20.68
N LYS B 171 0.51 31.83 -19.58
CA LYS B 171 1.10 32.15 -18.28
C LYS B 171 2.00 31.03 -17.80
N LEU B 172 1.69 29.80 -18.19
CA LEU B 172 2.52 28.65 -17.83
C LEU B 172 3.87 28.76 -18.52
N ARG B 173 3.85 28.93 -19.84
CA ARG B 173 5.09 28.99 -20.62
C ARG B 173 5.99 30.15 -20.18
N GLU B 174 5.39 31.28 -19.84
CA GLU B 174 6.14 32.46 -19.41
C GLU B 174 6.80 32.25 -18.06
N LEU B 175 6.18 31.43 -17.21
CA LEU B 175 6.75 31.11 -15.90
C LEU B 175 8.01 30.25 -16.02
N ILE B 176 8.17 29.58 -17.15
CA ILE B 176 9.33 28.74 -17.37
C ILE B 176 10.59 29.59 -17.59
N SER B 177 11.54 29.46 -16.69
CA SER B 177 12.77 30.27 -16.70
C SER B 177 13.95 29.38 -16.32
N PRO B 178 15.19 29.93 -16.26
CA PRO B 178 16.24 29.03 -15.78
C PRO B 178 16.13 28.67 -14.30
N LYS B 179 15.15 29.25 -13.59
CA LYS B 179 14.97 28.94 -12.18
C LYS B 179 14.07 27.72 -11.96
N THR B 180 13.33 27.30 -12.98
CA THR B 180 12.41 26.17 -12.81
C THR B 180 13.14 24.84 -12.97
N LYS B 181 12.93 23.95 -11.99
CA LYS B 181 13.55 22.63 -11.99
C LYS B 181 12.50 21.55 -12.23
N LEU B 182 11.25 21.89 -11.97
CA LEU B 182 10.17 20.92 -12.08
C LEU B 182 8.84 21.56 -12.43
N VAL B 183 8.14 20.93 -13.37
CA VAL B 183 6.75 21.25 -13.64
C VAL B 183 5.91 20.03 -13.25
N ALA B 184 5.05 20.20 -12.26
CA ALA B 184 4.19 19.11 -11.80
C ALA B 184 2.72 19.45 -12.06
N VAL B 185 2.17 18.89 -13.13
CA VAL B 185 0.79 19.20 -13.52
C VAL B 185 -0.01 17.97 -13.94
N HIS B 186 -1.33 18.10 -13.86
CA HIS B 186 -2.25 17.07 -14.31
C HIS B 186 -2.20 16.90 -15.83
N HIS B 187 -2.52 15.69 -16.27
CA HIS B 187 -2.78 15.43 -17.68
C HIS B 187 -4.23 15.82 -17.98
N VAL B 188 -5.14 15.33 -17.13
CA VAL B 188 -6.56 15.69 -17.18
C VAL B 188 -7.01 16.12 -15.79
N SER B 189 -7.79 17.19 -15.72
CA SER B 189 -8.24 17.74 -14.44
C SER B 189 -9.43 16.95 -13.87
N ASN B 190 -9.38 16.65 -12.57
CA ASN B 190 -10.41 15.86 -11.92
C ASN B 190 -11.65 16.69 -11.56
N VAL B 191 -11.59 17.99 -11.82
CA VAL B 191 -12.72 18.89 -11.57
C VAL B 191 -13.22 19.55 -12.85
N LEU B 192 -12.29 20.11 -13.62
CA LEU B 192 -12.63 20.86 -14.83
C LEU B 192 -12.84 19.96 -16.05
N ALA B 193 -12.30 18.75 -15.97
CA ALA B 193 -12.33 17.77 -17.07
C ALA B 193 -11.48 18.22 -18.26
N SER B 194 -10.74 19.31 -18.09
CA SER B 194 -9.86 19.81 -19.15
C SER B 194 -8.53 19.07 -19.16
N SER B 195 -7.79 19.20 -20.25
CA SER B 195 -6.49 18.57 -20.35
C SER B 195 -5.40 19.59 -20.58
N LEU B 196 -4.15 19.18 -20.44
CA LEU B 196 -3.02 20.05 -20.69
C LEU B 196 -2.19 19.48 -21.84
N PRO B 197 -1.58 20.37 -22.65
CA PRO B 197 -0.68 19.94 -23.72
C PRO B 197 0.65 19.44 -23.15
N ILE B 198 0.63 18.27 -22.53
CA ILE B 198 1.81 17.73 -21.85
C ILE B 198 3.04 17.62 -22.76
N GLU B 199 2.85 17.05 -23.95
CA GLU B 199 3.94 16.85 -24.88
C GLU B 199 4.69 18.16 -25.18
N GLU B 200 3.94 19.23 -25.38
CA GLU B 200 4.52 20.53 -25.64
C GLU B 200 5.21 21.07 -24.38
N ILE B 201 4.50 21.01 -23.26
CA ILE B 201 5.03 21.47 -21.97
C ILE B 201 6.38 20.83 -21.62
N VAL B 202 6.51 19.55 -21.93
CA VAL B 202 7.76 18.83 -21.71
C VAL B 202 8.91 19.47 -22.48
N VAL B 203 8.65 19.82 -23.74
CA VAL B 203 9.67 20.46 -24.59
C VAL B 203 10.16 21.76 -23.98
N TRP B 204 9.23 22.61 -23.56
CA TRP B 204 9.56 23.90 -22.98
C TRP B 204 10.36 23.72 -21.68
N ALA B 205 9.95 22.77 -20.85
CA ALA B 205 10.61 22.55 -19.57
C ALA B 205 12.02 21.96 -19.76
N HIS B 206 12.15 21.04 -20.71
CA HIS B 206 13.44 20.40 -20.94
C HIS B 206 14.46 21.38 -21.53
N ASP B 207 13.96 22.43 -22.18
CA ASP B 207 14.84 23.43 -22.78
C ASP B 207 15.53 24.30 -21.74
N VAL B 208 15.03 24.28 -20.50
CA VAL B 208 15.67 25.01 -19.42
C VAL B 208 16.21 24.05 -18.36
N GLY B 209 16.14 22.75 -18.64
CA GLY B 209 16.69 21.75 -17.76
C GLY B 209 15.75 21.29 -16.66
N ALA B 210 14.47 21.61 -16.81
CA ALA B 210 13.47 21.24 -15.80
C ALA B 210 12.91 19.85 -16.08
N LYS B 211 12.50 19.16 -15.02
CA LYS B 211 11.84 17.87 -15.16
C LYS B 211 10.34 18.08 -15.19
N VAL B 212 9.61 17.07 -15.67
CA VAL B 212 8.15 17.15 -15.69
C VAL B 212 7.54 15.90 -15.06
N LEU B 213 6.77 16.10 -14.01
CA LEU B 213 5.99 15.02 -13.41
C LEU B 213 4.54 15.14 -13.89
N VAL B 214 4.05 14.08 -14.54
CA VAL B 214 2.67 14.07 -15.02
C VAL B 214 1.77 13.31 -14.06
N ASP B 215 0.80 14.04 -13.50
CA ASP B 215 -0.28 13.46 -12.74
C ASP B 215 -1.31 12.92 -13.71
N ALA B 216 -1.21 11.63 -14.03
CA ALA B 216 -2.03 11.05 -15.09
C ALA B 216 -3.19 10.22 -14.57
N CYS B 217 -3.66 10.55 -13.37
CA CYS B 217 -4.70 9.76 -12.70
C CYS B 217 -6.03 9.76 -13.44
N GLN B 218 -6.30 10.83 -14.17
CA GLN B 218 -7.54 10.94 -14.92
C GLN B 218 -7.32 10.75 -16.42
N SER B 219 -6.11 10.36 -16.81
CA SER B 219 -5.86 10.07 -18.22
C SER B 219 -5.64 8.58 -18.45
N VAL B 220 -4.78 7.96 -17.62
CA VAL B 220 -4.50 6.53 -17.74
C VAL B 220 -5.77 5.65 -17.75
N PRO B 221 -6.77 5.96 -16.91
CA PRO B 221 -7.93 5.07 -16.98
C PRO B 221 -8.86 5.31 -18.19
N HIS B 222 -8.68 6.41 -18.91
CA HIS B 222 -9.71 6.87 -19.84
C HIS B 222 -9.28 7.05 -21.29
N MET B 223 -7.98 7.06 -21.55
CA MET B 223 -7.48 7.27 -22.91
C MET B 223 -6.09 6.71 -23.11
N VAL B 224 -5.66 6.59 -24.36
CA VAL B 224 -4.32 6.11 -24.66
C VAL B 224 -3.28 7.02 -24.03
N VAL B 225 -2.37 6.43 -23.27
CA VAL B 225 -1.28 7.16 -22.66
C VAL B 225 0.05 6.57 -23.11
N ASP B 226 0.91 7.42 -23.67
CA ASP B 226 2.19 7.00 -24.23
C ASP B 226 3.31 7.87 -23.66
N VAL B 227 4.01 7.37 -22.64
CA VAL B 227 5.01 8.16 -21.94
C VAL B 227 6.21 8.51 -22.82
N GLN B 228 6.48 7.69 -23.82
CA GLN B 228 7.61 7.95 -24.72
C GLN B 228 7.27 9.09 -25.66
N LYS B 229 6.01 9.17 -26.04
CA LYS B 229 5.55 10.27 -26.88
C LYS B 229 5.52 11.57 -26.08
N LEU B 230 4.97 11.50 -24.87
CA LEU B 230 4.98 12.65 -23.96
C LEU B 230 6.41 13.04 -23.57
N ASN B 231 7.28 12.04 -23.50
CA ASN B 231 8.66 12.19 -23.02
C ASN B 231 8.71 12.73 -21.60
N ALA B 232 7.70 12.39 -20.80
CA ALA B 232 7.65 12.80 -19.40
C ALA B 232 8.77 12.16 -18.59
N ASP B 233 9.28 12.90 -17.61
CA ASP B 233 10.28 12.37 -16.70
C ASP B 233 9.64 11.47 -15.65
N PHE B 234 8.52 11.93 -15.10
CA PHE B 234 7.75 11.12 -14.17
C PHE B 234 6.29 11.06 -14.59
N LEU B 235 5.61 10.00 -14.21
CA LEU B 235 4.17 9.90 -14.42
C LEU B 235 3.58 9.03 -13.32
N VAL B 236 2.39 9.39 -12.84
CA VAL B 236 1.77 8.66 -11.74
C VAL B 236 0.31 8.30 -12.04
N ALA B 237 -0.16 7.20 -11.45
CA ALA B 237 -1.55 6.78 -11.58
C ALA B 237 -1.96 5.79 -10.49
N SER B 238 -3.25 5.71 -10.23
CA SER B 238 -3.80 4.82 -9.20
C SER B 238 -4.67 3.71 -9.79
N SER B 239 -4.45 2.48 -9.33
CA SER B 239 -5.21 1.33 -9.78
C SER B 239 -6.71 1.47 -9.55
N HIS B 240 -7.10 2.02 -8.40
CA HIS B 240 -8.50 2.02 -8.02
C HIS B 240 -9.39 2.82 -8.99
N1 LLP B 241 -4.51 13.60 -9.00
C2 LLP B 241 -5.71 13.54 -9.58
C2' LLP B 241 -6.10 14.63 -10.61
C3 LLP B 241 -6.58 12.49 -9.24
O3 LLP B 241 -7.83 12.42 -9.85
C4 LLP B 241 -6.19 11.52 -8.32
C4' LLP B 241 -7.20 10.33 -7.95
C5 LLP B 241 -4.96 11.60 -7.73
C6 LLP B 241 -4.11 12.64 -8.08
C5' LLP B 241 -4.44 10.55 -6.70
OP4 LLP B 241 -5.37 10.23 -5.69
P LLP B 241 -5.13 8.93 -4.90
OP1 LLP B 241 -5.54 7.71 -5.73
OP2 LLP B 241 -3.69 8.84 -4.56
OP3 LLP B 241 -5.96 9.04 -3.66
N LLP B 241 -8.79 3.70 -9.79
CA LLP B 241 -9.57 4.49 -10.78
CB LLP B 241 -8.97 5.87 -10.93
CG LLP B 241 -9.25 6.70 -9.67
CD LLP B 241 -8.96 8.17 -9.97
CE LLP B 241 -8.96 8.95 -8.65
NZ LLP B 241 -8.29 10.24 -8.86
C LLP B 241 -9.62 3.83 -12.12
O LLP B 241 -10.39 4.27 -12.99
N MET B 242 -8.83 2.79 -12.34
CA MET B 242 -8.74 2.13 -13.65
C MET B 242 -9.15 0.65 -13.59
N CYS B 243 -10.24 0.38 -12.89
CA CYS B 243 -10.83 -0.96 -12.75
C CYS B 243 -9.98 -1.95 -11.96
N GLY B 244 -8.98 -1.44 -11.25
CA GLY B 244 -8.15 -2.30 -10.43
C GLY B 244 -8.52 -2.21 -8.96
N PRO B 245 -7.89 -3.06 -8.13
CA PRO B 245 -8.14 -3.01 -6.69
C PRO B 245 -7.55 -1.74 -6.08
N THR B 246 -8.05 -1.35 -4.91
CA THR B 246 -7.42 -0.35 -4.09
C THR B 246 -6.09 -0.93 -3.63
N GLY B 247 -5.26 -0.13 -2.97
CA GLY B 247 -4.05 -0.67 -2.38
C GLY B 247 -2.84 -0.72 -3.28
N ILE B 248 -3.01 -0.40 -4.56
CA ILE B 248 -1.84 -0.31 -5.44
C ILE B 248 -1.98 0.81 -6.47
N GLY B 249 -0.84 1.42 -6.79
CA GLY B 249 -0.73 2.43 -7.83
C GLY B 249 0.69 2.36 -8.33
N PHE B 250 1.14 3.32 -9.13
CA PHE B 250 2.53 3.28 -9.58
C PHE B 250 3.14 4.61 -9.97
N LEU B 251 4.46 4.61 -9.91
CA LEU B 251 5.30 5.67 -10.44
C LEU B 251 6.03 5.18 -11.68
N TYR B 252 5.90 5.92 -12.77
CA TYR B 252 6.79 5.73 -13.90
C TYR B 252 7.89 6.78 -13.82
N GLY B 253 9.11 6.39 -14.17
CA GLY B 253 10.22 7.32 -14.19
C GLY B 253 11.29 6.85 -15.15
N LYS B 254 11.93 7.78 -15.85
CA LYS B 254 13.03 7.42 -16.75
C LYS B 254 14.13 6.71 -15.97
N SER B 255 14.67 5.65 -16.55
CA SER B 255 15.63 4.79 -15.87
C SER B 255 16.86 5.54 -15.35
N ASP B 256 17.36 6.45 -16.17
CA ASP B 256 18.51 7.25 -15.78
C ASP B 256 18.18 8.08 -14.55
N LEU B 257 16.96 8.62 -14.53
CA LEU B 257 16.49 9.45 -13.43
C LEU B 257 16.31 8.61 -12.17
N LEU B 258 15.64 7.46 -12.30
CA LEU B 258 15.43 6.57 -11.18
C LEU B 258 16.77 6.10 -10.61
N HIS B 259 17.71 5.79 -11.49
CA HIS B 259 19.03 5.32 -11.07
C HIS B 259 19.79 6.37 -10.28
N SER B 260 19.56 7.64 -10.60
CA SER B 260 20.24 8.74 -9.94
C SER B 260 19.63 9.03 -8.58
N MET B 261 18.45 8.47 -8.34
CA MET B 261 17.68 8.78 -7.14
C MET B 261 17.99 7.85 -5.97
N PRO B 262 18.12 8.42 -4.77
CA PRO B 262 18.32 7.67 -3.52
C PRO B 262 17.05 6.96 -3.09
N PRO B 263 17.16 5.90 -2.28
CA PRO B 263 15.97 5.19 -1.80
C PRO B 263 15.02 6.11 -1.05
N PHE B 264 13.74 5.77 -1.11
CA PHE B 264 12.73 6.47 -0.33
C PHE B 264 12.52 5.67 0.95
N LEU B 265 11.67 4.67 0.90
CA LEU B 265 11.48 3.76 2.03
C LEU B 265 12.63 2.77 2.11
N GLY B 266 13.07 2.45 3.32
CA GLY B 266 14.19 1.54 3.51
C GLY B 266 13.78 0.27 4.23
N GLY B 267 14.49 -0.82 3.95
CA GLY B 267 14.19 -2.09 4.58
C GLY B 267 14.48 -3.30 3.70
N GLY B 268 13.77 -4.39 3.97
CA GLY B 268 13.93 -5.61 3.21
C GLY B 268 13.60 -5.42 1.73
N GLU B 269 14.21 -6.25 0.89
CA GLU B 269 13.91 -6.36 -0.54
C GLU B 269 14.52 -5.26 -1.40
N MET B 270 14.70 -4.06 -0.84
CA MET B 270 15.27 -2.95 -1.60
C MET B 270 16.78 -2.85 -1.44
N ILE B 271 17.34 -3.78 -0.69
CA ILE B 271 18.78 -3.78 -0.42
C ILE B 271 19.54 -4.73 -1.34
N SER B 272 20.87 -4.54 -1.36
CA SER B 272 21.77 -5.49 -1.97
C SER B 272 22.45 -6.30 -0.86
N ASP B 273 23.17 -5.59 0.02
CA ASP B 273 23.72 -6.18 1.23
C ASP B 273 23.44 -5.29 2.43
N VAL B 274 23.14 -5.90 3.58
CA VAL B 274 22.94 -5.17 4.82
C VAL B 274 24.02 -5.52 5.85
N PHE B 275 24.80 -4.52 6.26
CA PHE B 275 25.75 -4.69 7.35
C PHE B 275 25.31 -3.88 8.56
N LEU B 276 25.93 -4.14 9.70
CA LEU B 276 25.60 -3.43 10.94
C LEU B 276 25.84 -1.92 10.83
N ASP B 277 26.88 -1.52 10.09
CA ASP B 277 27.26 -0.11 10.01
C ASP B 277 26.56 0.63 8.87
N HIS B 278 26.34 -0.06 7.75
CA HIS B 278 25.70 0.55 6.59
C HIS B 278 25.10 -0.51 5.66
N SER B 279 24.37 -0.04 4.65
CA SER B 279 23.75 -0.92 3.67
C SER B 279 23.96 -0.42 2.24
N THR B 280 23.99 -1.35 1.31
CA THR B 280 23.96 -1.01 -0.11
C THR B 280 22.56 -1.29 -0.62
N TYR B 281 22.19 -0.64 -1.71
CA TYR B 281 20.82 -0.75 -2.21
C TYR B 281 20.78 -1.33 -3.61
N ALA B 282 19.69 -2.06 -3.88
CA ALA B 282 19.45 -2.62 -5.20
C ALA B 282 19.21 -1.51 -6.21
N GLU B 283 19.15 -1.89 -7.48
CA GLU B 283 18.85 -0.93 -8.55
C GLU B 283 17.33 -0.83 -8.72
N PRO B 284 16.86 0.23 -9.42
CA PRO B 284 15.42 0.31 -9.70
C PRO B 284 14.92 -0.89 -10.51
N PRO B 285 13.67 -1.30 -10.29
CA PRO B 285 12.69 -0.67 -9.38
C PRO B 285 12.73 -1.21 -7.96
N SER B 286 13.46 -2.29 -7.73
CA SER B 286 13.55 -2.91 -6.41
C SER B 286 14.02 -1.92 -5.34
N ARG B 287 14.93 -1.04 -5.72
CA ARG B 287 15.43 0.01 -4.84
C ARG B 287 14.31 0.76 -4.13
N PHE B 288 13.21 0.97 -4.84
CA PHE B 288 12.11 1.77 -4.30
C PHE B 288 10.92 0.94 -3.83
N GLU B 289 11.12 -0.36 -3.71
CA GLU B 289 10.06 -1.27 -3.29
C GLU B 289 10.44 -1.99 -2.01
N ALA B 290 10.06 -1.41 -0.88
CA ALA B 290 10.54 -1.87 0.41
C ALA B 290 9.56 -2.83 1.08
N GLY B 291 10.09 -3.97 1.51
CA GLY B 291 9.29 -4.99 2.15
C GLY B 291 8.33 -5.66 1.18
N THR B 292 7.52 -6.56 1.71
CA THR B 292 6.54 -7.30 0.92
C THR B 292 5.53 -6.36 0.26
N PRO B 293 5.44 -6.42 -1.08
CA PRO B 293 4.53 -5.53 -1.82
C PRO B 293 3.09 -6.04 -1.83
N ALA B 294 2.19 -5.28 -2.47
CA ALA B 294 0.80 -5.72 -2.61
C ALA B 294 0.71 -6.75 -3.73
N ILE B 295 1.24 -7.95 -3.47
CA ILE B 295 1.45 -8.93 -4.54
C ILE B 295 0.17 -9.23 -5.31
N GLY B 296 -0.88 -9.61 -4.58
CA GLY B 296 -2.15 -9.97 -5.19
C GLY B 296 -2.80 -8.82 -5.92
N GLU B 297 -2.63 -7.62 -5.38
CA GLU B 297 -3.24 -6.43 -5.94
C GLU B 297 -2.53 -6.03 -7.25
N ALA B 298 -1.22 -6.24 -7.29
CA ALA B 298 -0.45 -5.97 -8.50
C ALA B 298 -0.89 -6.88 -9.64
N ILE B 299 -1.06 -8.16 -9.32
CA ILE B 299 -1.52 -9.14 -10.30
C ILE B 299 -2.91 -8.77 -10.81
N ALA B 300 -3.80 -8.35 -9.89
CA ALA B 300 -5.14 -7.92 -10.27
C ALA B 300 -5.11 -6.63 -11.12
N LEU B 301 -4.16 -5.75 -10.85
CA LEU B 301 -4.04 -4.53 -11.65
C LEU B 301 -3.64 -4.91 -13.08
N GLY B 302 -2.77 -5.91 -13.19
CA GLY B 302 -2.42 -6.45 -14.49
C GLY B 302 -3.64 -7.00 -15.20
N ALA B 303 -4.54 -7.63 -14.44
CA ALA B 303 -5.77 -8.14 -15.02
C ALA B 303 -6.66 -6.97 -15.47
N ALA B 304 -6.64 -5.89 -14.71
CA ALA B 304 -7.39 -4.70 -15.08
C ALA B 304 -6.85 -4.10 -16.39
N VAL B 305 -5.53 -4.12 -16.53
CA VAL B 305 -4.89 -3.65 -17.75
C VAL B 305 -5.29 -4.55 -18.93
N ASP B 306 -5.30 -5.86 -18.70
CA ASP B 306 -5.75 -6.82 -19.71
C ASP B 306 -7.18 -6.54 -20.12
N TYR B 307 -8.03 -6.25 -19.14
CA TYR B 307 -9.44 -5.98 -19.37
C TYR B 307 -9.63 -4.72 -20.21
N LEU B 308 -8.99 -3.62 -19.79
CA LEU B 308 -9.11 -2.35 -20.50
C LEU B 308 -8.56 -2.50 -21.93
N SER B 309 -7.47 -3.24 -22.06
CA SER B 309 -6.85 -3.45 -23.36
C SER B 309 -7.75 -4.30 -24.27
N GLY B 310 -8.46 -5.26 -23.67
CA GLY B 310 -9.38 -6.10 -24.43
C GLY B 310 -10.51 -5.29 -25.04
N ILE B 311 -11.02 -4.31 -24.30
CA ILE B 311 -12.01 -3.41 -24.84
C ILE B 311 -11.38 -2.51 -25.88
N GLY B 312 -10.26 -1.89 -25.50
CA GLY B 312 -9.54 -1.00 -26.39
C GLY B 312 -9.63 0.43 -25.90
N MET B 313 -8.49 1.00 -25.52
CA MET B 313 -8.48 2.36 -24.99
C MET B 313 -8.94 3.43 -26.00
N PRO B 314 -8.67 3.25 -27.31
CA PRO B 314 -9.30 4.20 -28.23
C PRO B 314 -10.82 4.08 -28.28
N LYS B 315 -11.33 2.86 -28.13
CA LYS B 315 -12.77 2.64 -28.15
C LYS B 315 -13.39 3.20 -26.88
N ILE B 316 -12.68 3.05 -25.77
CA ILE B 316 -13.13 3.60 -24.50
C ILE B 316 -13.16 5.13 -24.56
N HIS B 317 -12.07 5.71 -25.05
CA HIS B 317 -11.96 7.16 -25.17
C HIS B 317 -13.04 7.75 -26.08
N GLU B 318 -13.26 7.11 -27.21
CA GLU B 318 -14.29 7.52 -28.15
C GLU B 318 -15.68 7.53 -27.48
N TYR B 319 -15.94 6.51 -26.68
CA TYR B 319 -17.23 6.36 -26.03
C TYR B 319 -17.42 7.39 -24.92
N GLU B 320 -16.36 7.66 -24.18
CA GLU B 320 -16.42 8.65 -23.11
C GLU B 320 -16.63 10.05 -23.69
N VAL B 321 -16.07 10.30 -24.87
CA VAL B 321 -16.25 11.60 -25.52
C VAL B 321 -17.71 11.82 -25.88
N GLU B 322 -18.35 10.76 -26.36
CA GLU B 322 -19.76 10.83 -26.71
C GLU B 322 -20.65 11.03 -25.46
N ILE B 323 -20.51 10.17 -24.47
CA ILE B 323 -21.38 10.29 -23.29
C ILE B 323 -21.01 11.49 -22.42
N GLY B 324 -19.73 11.86 -22.41
CA GLY B 324 -19.29 13.07 -21.74
C GLY B 324 -19.92 14.31 -22.35
N LYS B 325 -19.94 14.37 -23.68
CA LYS B 325 -20.59 15.46 -24.41
C LYS B 325 -22.09 15.47 -24.10
N TYR B 326 -22.68 14.29 -24.11
CA TYR B 326 -24.10 14.12 -23.81
C TYR B 326 -24.43 14.64 -22.41
N LEU B 327 -23.59 14.28 -21.45
CA LEU B 327 -23.76 14.74 -20.07
C LEU B 327 -23.66 16.26 -19.97
N TYR B 328 -22.66 16.84 -20.64
CA TYR B 328 -22.48 18.29 -20.62
C TYR B 328 -23.71 19.01 -21.17
N GLU B 329 -24.17 18.54 -22.32
CA GLU B 329 -25.33 19.15 -23.00
C GLU B 329 -26.58 19.13 -22.14
N LYS B 330 -26.88 17.96 -21.57
CA LYS B 330 -28.10 17.76 -20.80
C LYS B 330 -28.07 18.59 -19.52
N LEU B 331 -26.94 18.55 -18.82
CA LEU B 331 -26.76 19.30 -17.60
C LEU B 331 -26.84 20.80 -17.84
N SER B 332 -26.23 21.26 -18.94
CA SER B 332 -26.22 22.69 -19.24
C SER B 332 -27.56 23.16 -19.81
N SER B 333 -28.45 22.23 -20.11
CA SER B 333 -29.79 22.59 -20.57
C SER B 333 -30.70 22.95 -19.39
N LEU B 334 -30.27 22.62 -18.18
CA LEU B 334 -31.04 22.98 -17.00
C LEU B 334 -30.76 24.42 -16.57
N PRO B 335 -31.82 25.18 -16.25
CA PRO B 335 -31.59 26.56 -15.84
C PRO B 335 -30.87 26.63 -14.48
N ASP B 336 -30.12 27.72 -14.27
CA ASP B 336 -29.44 27.99 -13.01
C ASP B 336 -28.29 27.02 -12.72
N VAL B 337 -27.93 26.22 -13.71
CA VAL B 337 -26.78 25.32 -13.59
C VAL B 337 -25.53 25.95 -14.20
N ARG B 338 -24.43 25.93 -13.44
CA ARG B 338 -23.15 26.36 -13.97
C ARG B 338 -22.17 25.21 -13.92
N ILE B 339 -21.60 24.85 -15.06
CA ILE B 339 -20.57 23.82 -15.13
C ILE B 339 -19.19 24.46 -15.22
N TYR B 340 -18.28 24.04 -14.35
CA TYR B 340 -16.93 24.59 -14.35
C TYR B 340 -16.06 23.94 -15.40
N GLY B 341 -15.09 24.70 -15.91
CA GLY B 341 -14.24 24.20 -16.97
C GLY B 341 -14.71 24.67 -18.33
N PRO B 342 -14.02 24.24 -19.39
CA PRO B 342 -14.27 24.69 -20.77
C PRO B 342 -15.50 24.04 -21.39
N ARG B 343 -16.04 24.67 -22.44
CA ARG B 343 -17.14 24.09 -23.19
C ARG B 343 -16.60 23.06 -24.19
N PRO B 344 -17.35 21.96 -24.39
CA PRO B 344 -17.00 20.95 -25.39
C PRO B 344 -17.01 21.52 -26.80
N SER B 345 -15.98 21.22 -27.58
CA SER B 345 -15.90 21.67 -28.96
C SER B 345 -15.08 20.70 -29.79
N GLU B 346 -15.03 20.96 -31.09
CA GLU B 346 -14.29 20.11 -32.02
C GLU B 346 -12.78 20.21 -31.78
N SER B 347 -12.38 21.30 -31.13
CA SER B 347 -10.96 21.55 -30.84
C SER B 347 -10.62 21.27 -29.38
N VAL B 348 -11.60 21.46 -28.51
CA VAL B 348 -11.39 21.28 -27.07
C VAL B 348 -12.18 20.08 -26.55
N HIS B 349 -11.47 19.12 -25.97
CA HIS B 349 -12.09 17.89 -25.50
C HIS B 349 -12.16 17.81 -23.99
N ARG B 350 -13.31 17.37 -23.47
CA ARG B 350 -13.49 17.19 -22.04
C ARG B 350 -13.48 15.70 -21.67
N GLY B 351 -13.00 15.40 -20.47
CA GLY B 351 -13.20 14.08 -19.90
C GLY B 351 -14.66 13.95 -19.55
N ALA B 352 -15.11 12.74 -19.25
CA ALA B 352 -16.53 12.47 -19.05
C ALA B 352 -16.96 12.75 -17.61
N LEU B 353 -16.73 13.98 -17.16
CA LEU B 353 -17.21 14.40 -15.86
C LEU B 353 -17.63 15.87 -15.92
N CYS B 354 -18.55 16.23 -15.04
CA CYS B 354 -18.94 17.62 -14.90
C CYS B 354 -19.00 18.00 -13.43
N SER B 355 -18.26 19.04 -13.07
CA SER B 355 -18.37 19.63 -11.75
C SER B 355 -19.22 20.88 -11.89
N PHE B 356 -20.20 21.03 -11.01
CA PHE B 356 -21.20 22.08 -11.20
C PHE B 356 -21.83 22.59 -9.90
N ASN B 357 -22.64 23.63 -10.04
CA ASN B 357 -23.43 24.16 -8.94
C ASN B 357 -24.75 24.70 -9.47
N VAL B 358 -25.77 24.72 -8.62
CA VAL B 358 -27.06 25.28 -8.98
C VAL B 358 -27.36 26.49 -8.12
N GLU B 359 -27.82 27.57 -8.74
CA GLU B 359 -28.06 28.85 -8.07
C GLU B 359 -28.83 28.70 -6.76
N GLY B 360 -28.25 29.24 -5.69
CA GLY B 360 -28.91 29.29 -4.40
C GLY B 360 -29.01 27.97 -3.63
N LEU B 361 -28.44 26.91 -4.19
CA LEU B 361 -28.49 25.59 -3.56
C LEU B 361 -27.09 25.07 -3.22
N HIS B 362 -26.98 24.39 -2.08
CA HIS B 362 -25.72 23.77 -1.68
C HIS B 362 -25.57 22.40 -2.33
N PRO B 363 -24.39 22.11 -2.89
CA PRO B 363 -24.14 20.83 -3.59
C PRO B 363 -24.29 19.60 -2.69
N THR B 364 -24.08 19.75 -1.39
CA THR B 364 -24.23 18.65 -0.46
C THR B 364 -25.71 18.28 -0.35
N ASP B 365 -26.58 19.29 -0.37
CA ASP B 365 -28.00 19.03 -0.37
C ASP B 365 -28.39 18.26 -1.63
N LEU B 366 -27.87 18.69 -2.78
CA LEU B 366 -28.13 18.01 -4.04
C LEU B 366 -27.73 16.53 -3.99
N ALA B 367 -26.49 16.27 -3.55
CA ALA B 367 -25.96 14.92 -3.49
C ALA B 367 -26.74 14.01 -2.54
N THR B 368 -27.07 14.54 -1.36
CA THR B 368 -27.81 13.79 -0.35
C THR B 368 -29.20 13.38 -0.83
N PHE B 369 -29.93 14.34 -1.40
CA PHE B 369 -31.28 14.07 -1.91
C PHE B 369 -31.21 13.09 -3.08
N LEU B 370 -30.28 13.32 -3.99
CA LEU B 370 -30.10 12.42 -5.14
C LEU B 370 -29.88 10.97 -4.71
N ASP B 371 -29.06 10.78 -3.69
CA ASP B 371 -28.80 9.44 -3.19
C ASP B 371 -30.02 8.86 -2.48
N GLN B 372 -30.55 9.60 -1.51
CA GLN B 372 -31.60 9.06 -0.66
C GLN B 372 -32.95 8.88 -1.38
N GLN B 373 -33.24 9.73 -2.36
CA GLN B 373 -34.56 9.70 -2.98
C GLN B 373 -34.55 9.07 -4.38
N HIS B 374 -33.39 9.05 -5.02
CA HIS B 374 -33.31 8.62 -6.41
C HIS B 374 -32.25 7.55 -6.68
N GLY B 375 -31.52 7.17 -5.65
CA GLY B 375 -30.47 6.16 -5.77
C GLY B 375 -29.30 6.59 -6.63
N VAL B 376 -29.18 7.89 -6.87
CA VAL B 376 -28.13 8.45 -7.72
C VAL B 376 -26.90 8.83 -6.89
N ALA B 377 -25.74 8.28 -7.25
CA ALA B 377 -24.53 8.52 -6.49
C ALA B 377 -23.62 9.51 -7.20
N ILE B 378 -23.52 10.72 -6.64
CA ILE B 378 -22.53 11.68 -7.10
C ILE B 378 -21.73 12.16 -5.90
N ARG B 379 -20.85 13.12 -6.12
CA ARG B 379 -20.00 13.63 -5.06
C ARG B 379 -20.18 15.14 -4.88
N SER B 380 -20.08 15.60 -3.64
CA SER B 380 -20.06 17.02 -3.32
C SER B 380 -18.85 17.34 -2.44
N GLY B 381 -18.20 18.47 -2.70
CA GLY B 381 -17.04 18.88 -1.93
C GLY B 381 -16.05 19.59 -2.82
N HIS B 382 -14.81 19.72 -2.36
CA HIS B 382 -13.78 20.37 -3.17
C HIS B 382 -13.02 19.36 -4.01
N HIS B 383 -13.37 18.08 -3.87
CA HIS B 383 -12.79 16.99 -4.65
C HIS B 383 -11.25 17.03 -4.64
N SER B 384 -10.71 17.36 -3.48
CA SER B 384 -9.27 17.53 -3.25
C SER B 384 -8.63 18.53 -4.21
N ALA B 385 -9.42 19.53 -4.59
CA ALA B 385 -8.94 20.67 -5.37
C ALA B 385 -9.48 21.96 -4.75
N GLN B 386 -9.09 22.20 -3.51
CA GLN B 386 -9.62 23.33 -2.73
C GLN B 386 -9.18 24.70 -3.27
N PRO B 387 -7.89 24.89 -3.61
CA PRO B 387 -7.56 26.22 -4.15
C PRO B 387 -8.30 26.53 -5.45
N LEU B 388 -8.62 25.50 -6.23
CA LEU B 388 -9.39 25.66 -7.46
C LEU B 388 -10.81 26.16 -7.19
N HIS B 389 -11.48 25.58 -6.20
CA HIS B 389 -12.83 26.03 -5.87
C HIS B 389 -12.78 27.43 -5.28
N ARG B 390 -11.78 27.67 -4.43
CA ARG B 390 -11.57 29.01 -3.86
C ARG B 390 -11.41 30.04 -4.98
N TYR B 391 -10.58 29.70 -5.96
CA TYR B 391 -10.36 30.55 -7.13
C TYR B 391 -11.67 30.82 -7.84
N LEU B 392 -12.50 29.78 -7.97
CA LEU B 392 -13.77 29.88 -8.67
C LEU B 392 -14.84 30.58 -7.85
N GLY B 393 -14.54 30.82 -6.57
CA GLY B 393 -15.43 31.57 -5.71
C GLY B 393 -16.40 30.73 -4.89
N VAL B 394 -16.13 29.43 -4.78
CA VAL B 394 -16.98 28.53 -4.03
C VAL B 394 -16.18 27.65 -3.07
N ASN B 395 -16.85 27.09 -2.08
CA ASN B 395 -16.18 26.17 -1.16
C ASN B 395 -16.30 24.72 -1.59
N ALA B 396 -17.30 24.44 -2.41
CA ALA B 396 -17.56 23.08 -2.88
C ALA B 396 -18.41 23.07 -4.14
N SER B 397 -18.48 21.92 -4.79
CA SER B 397 -19.28 21.74 -5.99
C SER B 397 -19.81 20.32 -6.07
N ALA B 398 -20.84 20.10 -6.89
CA ALA B 398 -21.31 18.76 -7.16
C ALA B 398 -20.55 18.21 -8.36
N ARG B 399 -20.29 16.91 -8.38
CA ARG B 399 -19.63 16.30 -9.52
C ARG B 399 -20.27 14.98 -9.93
N ALA B 400 -20.67 14.88 -11.18
CA ALA B 400 -21.08 13.62 -11.78
C ALA B 400 -19.97 13.15 -12.70
N SER B 401 -19.48 11.95 -12.48
CA SER B 401 -18.37 11.46 -13.29
C SER B 401 -18.61 10.05 -13.79
N LEU B 402 -18.32 9.84 -15.08
CA LEU B 402 -18.68 8.61 -15.77
C LEU B 402 -17.46 7.74 -16.07
N TYR B 403 -17.74 6.49 -16.42
CA TYR B 403 -16.74 5.59 -16.96
C TYR B 403 -17.43 4.83 -18.10
N PHE B 404 -16.74 3.89 -18.74
CA PHE B 404 -17.31 3.24 -19.92
C PHE B 404 -18.46 2.28 -19.60
N TYR B 405 -18.68 1.96 -18.32
CA TYR B 405 -19.85 1.16 -17.95
C TYR B 405 -21.09 2.02 -17.72
N ASN B 406 -20.98 3.33 -17.91
CA ASN B 406 -22.14 4.20 -17.86
C ASN B 406 -22.78 4.35 -19.24
N THR B 407 -24.08 4.61 -19.25
CA THR B 407 -24.85 4.75 -20.48
C THR B 407 -25.51 6.11 -20.57
N LYS B 408 -26.04 6.42 -21.75
CA LYS B 408 -26.89 7.60 -21.91
C LYS B 408 -28.14 7.51 -21.03
N ASP B 409 -28.64 6.30 -20.82
CA ASP B 409 -29.78 6.09 -19.92
C ASP B 409 -29.45 6.55 -18.50
N ASP B 410 -28.21 6.30 -18.08
CA ASP B 410 -27.76 6.76 -16.77
C ASP B 410 -27.80 8.28 -16.71
N VAL B 411 -27.38 8.93 -17.78
CA VAL B 411 -27.36 10.38 -17.83
C VAL B 411 -28.80 10.92 -17.79
N ASP B 412 -29.69 10.31 -18.55
CA ASP B 412 -31.10 10.70 -18.53
C ASP B 412 -31.70 10.61 -17.12
N ALA B 413 -31.42 9.50 -16.43
CA ALA B 413 -31.91 9.30 -15.07
C ALA B 413 -31.37 10.38 -14.14
N PHE B 414 -30.09 10.68 -14.27
CA PHE B 414 -29.45 11.75 -13.49
C PHE B 414 -30.13 13.09 -13.70
N ILE B 415 -30.33 13.48 -14.95
CA ILE B 415 -30.91 14.78 -15.25
C ILE B 415 -32.34 14.86 -14.71
N VAL B 416 -33.09 13.77 -14.87
CA VAL B 416 -34.44 13.70 -14.33
C VAL B 416 -34.42 13.85 -12.82
N ALA B 417 -33.56 13.08 -12.17
CA ALA B 417 -33.40 13.13 -10.71
C ALA B 417 -32.93 14.51 -10.22
N LEU B 418 -32.00 15.13 -10.95
CA LEU B 418 -31.47 16.43 -10.56
C LEU B 418 -32.53 17.52 -10.66
N ALA B 419 -33.30 17.50 -11.74
CA ALA B 419 -34.37 18.47 -11.93
C ALA B 419 -35.37 18.38 -10.77
N ASP B 420 -35.72 17.16 -10.39
CA ASP B 420 -36.62 16.93 -9.27
C ASP B 420 -36.02 17.45 -7.95
N THR B 421 -34.73 17.22 -7.77
CA THR B 421 -34.02 17.66 -6.57
C THR B 421 -34.02 19.18 -6.44
N VAL B 422 -33.66 19.85 -7.55
CA VAL B 422 -33.69 21.30 -7.60
C VAL B 422 -35.09 21.84 -7.31
N SER B 423 -36.09 21.20 -7.91
CA SER B 423 -37.49 21.57 -7.69
C SER B 423 -37.83 21.46 -6.20
N PHE B 424 -37.38 20.39 -5.57
CA PHE B 424 -37.68 20.16 -4.16
C PHE B 424 -37.16 21.27 -3.26
N PHE B 425 -35.88 21.59 -3.40
CA PHE B 425 -35.28 22.56 -2.50
C PHE B 425 -35.75 23.99 -2.79
N ASN B 426 -36.04 24.29 -4.05
CA ASN B 426 -36.57 25.60 -4.39
C ASN B 426 -38.04 25.76 -4.00
N SER B 427 -38.70 24.66 -3.68
CA SER B 427 -40.11 24.70 -3.29
C SER B 427 -40.30 25.36 -1.93
N PHE B 428 -39.21 25.51 -1.19
CA PHE B 428 -39.27 26.11 0.16
C PHE B 428 -38.87 27.58 0.14
N LYS B 429 -38.40 28.06 -1.01
CA LYS B 429 -37.98 29.44 -1.15
C LYS B 429 -39.11 30.33 -1.67
#